data_7LM8
#
_entry.id   7LM8
#
_cell.length_a   59.664
_cell.length_b   148.234
_cell.length_c   162.257
_cell.angle_alpha   90.000
_cell.angle_beta   90.000
_cell.angle_gamma   90.000
#
_symmetry.space_group_name_H-M   'P 21 21 21'
#
loop_
_entity.id
_entity.type
_entity.pdbx_description
1 polymer 'Spike protein S1'
2 polymer 'COVA1-16 Fab heavy chain'
3 polymer 'COVA1-16 Fab light chain'
4 polymer 'CV38-142 Fab heavy chain'
5 polymer 'CV38-142 Fab light chain'
6 branched beta-D-mannopyranose-(1-4)-2-acetamido-2-deoxy-beta-D-glucopyranose-(1-4)-[alpha-L-fucopyranose-(1-6)]2-acetamido-2-deoxy-beta-D-glucopyranose
7 non-polymer 1,2-ETHANEDIOL
8 water water
#
loop_
_entity_poly.entity_id
_entity_poly.type
_entity_poly.pdbx_seq_one_letter_code
_entity_poly.pdbx_strand_id
1 'polypeptide(L)'
;RVQPTESIVRFPNITNLCPFGEVFNATRFASVYAWNRKRISNCVADYSVLYNSASFSTFKCYGVSPTKLNDLCFTNVYAD
SFVIRGDEVRQIAPGQTGKIADYNYKLPDDFTGCVIAWNSNNLDSKVGGNYNYLYRLFRKSNLKPFERDISTEIYQAGST
PCNGVEGFNCYFPLQSYGFQPTNGVGYQPYRVVVLSFELLHAPATVCGPKKSTNLVKNKCVNFSGHHHHHH
;
A
2 'polypeptide(L)'
;QVQLVQSGAEVKKPGASVKVSCKASGYTFTSYYMHWVRQAPGQGLEWMGIINSSGGSTSYAQKFQGRVTMTRDTSTSTVY
MELSSLRSEDTAVYYCARPPRNYYDRSGYYQRAEYFQHWGQGTLVTVSSASTKGPSVFPLAPSSKSTSGGTAALGCLVKD
YFPEPVTVSWNSGALTSGVHTFPAVLQSSGLYSLSSVVTVPSSSLGTQTYICNVNHKPSNTKVDKRVEPKSC
;
H
3 'polypeptide(L)'
;DIQLTQSPSSLSASVGDRVTITCQASQDISNYLNWYQQRPGKAPKLLIYDASNLETGVPSRFSGSGSGTDFTFTISSLQP
EDIATYYCQQYDNPPLTFGGGTKLEIKRTVAAPSVFIFPPSDEQLKSGTASVVCLLNNFYPREAKVQWKVDNALQSGNSQ
ESVTEQDSKDSTYSLSSTLTLSKADYEKHKVYACEVTHQGLSSPVTKSFNRGECS
;
L
4 'polypeptide(L)'
;EVQLVQSGAEVKKPGESLKISCQGSGYSFTSYWIGWVRQMPGKGLEWMGIIYPGESDTRYSSSFQGHVTISADKSISTAY
LQWSSLKASDTAMYYCARIRGVYSSGWIGGDYWGQGTLVTVSSASTKGPSVFPLAPSSKSTSGGTAALGCLVKDYFPEPV
TVSWNSGALTSGVHTFPAVLQSSGLYSLSSVVTVPSSSLGTQTYICNVNHKPSNTKVDKKVEPKSC
;
M
5 'polypeptide(L)'
;DIQMTQSPSSLSASVGDRVTITCRASQSISSYLNWYQQKPGKAPKLLIYAASSLQSGVPSRFSGSGSGTDFTLTISSLQP
EDFATYYCQQSYSTPRQWTFGQGTKVEIKRTVAAPSVFIFPPSDEQLKSGTASVVCLLNNFYPREAKVQWKVDNALQSGN
SQESVTEQDSKDSTYSLSSTLTLSKADYEKHKVYACEVTHQGLSSPVTKSFNRGECS
;
N
#
# COMPACT_ATOMS: atom_id res chain seq x y z
N ASN A 16 -2.29 14.41 -30.29
CA ASN A 16 -2.44 14.75 -28.87
C ASN A 16 -2.40 13.48 -28.00
N LEU A 17 -1.52 13.49 -26.99
CA LEU A 17 -1.23 12.29 -26.22
C LEU A 17 -2.35 11.98 -25.23
N CYS A 18 -2.62 10.68 -25.06
CA CYS A 18 -3.59 10.28 -24.05
C CYS A 18 -3.08 10.73 -22.69
N PRO A 19 -3.95 11.24 -21.83
CA PRO A 19 -3.48 11.81 -20.55
C PRO A 19 -3.30 10.79 -19.44
N PHE A 20 -2.34 9.87 -19.63
CA PHE A 20 -2.10 8.85 -18.60
C PHE A 20 -1.59 9.48 -17.30
N GLY A 21 -0.88 10.60 -17.39
CA GLY A 21 -0.38 11.23 -16.18
C GLY A 21 -1.48 11.64 -15.22
N GLU A 22 -2.65 12.03 -15.76
CA GLU A 22 -3.76 12.41 -14.90
C GLU A 22 -4.21 11.25 -14.04
N VAL A 23 -4.03 10.01 -14.50
CA VAL A 23 -4.40 8.82 -13.73
C VAL A 23 -3.26 8.40 -12.80
N PHE A 24 -2.07 8.20 -13.39
CA PHE A 24 -0.96 7.61 -12.66
C PHE A 24 -0.42 8.57 -11.61
N ASN A 25 -0.56 9.87 -11.83
CA ASN A 25 0.03 10.88 -10.96
C ASN A 25 -1.04 11.71 -10.23
N ALA A 26 -2.28 11.19 -10.16
CA ALA A 26 -3.34 11.88 -9.44
C ALA A 26 -2.96 12.05 -7.97
N THR A 27 -3.27 13.21 -7.40
CA THR A 27 -2.97 13.44 -6.00
C THR A 27 -3.76 12.49 -5.11
N ARG A 28 -5.03 12.31 -5.42
CA ARG A 28 -5.95 11.48 -4.65
C ARG A 28 -6.35 10.27 -5.49
N PHE A 29 -6.20 9.08 -4.91
CA PHE A 29 -6.74 7.86 -5.50
C PHE A 29 -8.04 7.49 -4.78
N ALA A 30 -8.94 6.84 -5.51
CA ALA A 30 -10.21 6.35 -4.95
C ALA A 30 -10.00 5.21 -3.94
N SER A 31 -10.91 5.10 -2.98
CA SER A 31 -11.08 3.82 -2.27
C SER A 31 -11.52 2.75 -3.27
N VAL A 32 -11.03 1.52 -3.07
CA VAL A 32 -11.29 0.46 -4.04
C VAL A 32 -12.78 0.17 -4.18
N TYR A 33 -13.58 0.31 -3.09
CA TYR A 33 -15.01 0.02 -3.29
C TYR A 33 -15.65 1.05 -4.22
N ALA A 34 -15.10 2.25 -4.27
CA ALA A 34 -15.59 3.33 -5.12
C ALA A 34 -14.60 3.63 -6.25
N TRP A 35 -14.04 2.58 -6.83
CA TRP A 35 -12.92 2.71 -7.75
C TRP A 35 -13.24 3.66 -8.89
N ASN A 36 -12.25 4.45 -9.27
CA ASN A 36 -12.39 5.46 -10.30
C ASN A 36 -12.15 4.85 -11.67
N ARG A 37 -12.91 5.28 -12.66
CA ARG A 37 -12.70 4.90 -14.05
C ARG A 37 -12.52 6.17 -14.87
N LYS A 38 -11.46 6.22 -15.66
CA LYS A 38 -11.32 7.29 -16.65
C LYS A 38 -11.33 6.68 -18.04
N ARG A 39 -12.18 7.21 -18.92
CA ARG A 39 -12.26 6.73 -20.29
C ARG A 39 -11.21 7.45 -21.13
N ILE A 40 -10.44 6.69 -21.88
CA ILE A 40 -9.37 7.26 -22.68
C ILE A 40 -9.72 6.99 -24.14
N SER A 41 -9.84 8.06 -24.92
CA SER A 41 -10.41 7.97 -26.27
C SER A 41 -9.84 9.07 -27.14
N ASN A 42 -9.79 8.81 -28.45
CA ASN A 42 -9.42 9.80 -29.46
C ASN A 42 -8.10 10.49 -29.11
N CYS A 43 -7.04 9.67 -28.98
CA CYS A 43 -5.73 10.20 -28.62
C CYS A 43 -4.67 9.17 -29.02
N VAL A 44 -3.43 9.61 -29.04
CA VAL A 44 -2.29 8.75 -29.31
C VAL A 44 -1.74 8.33 -27.96
N ALA A 45 -1.64 7.03 -27.72
CA ALA A 45 -1.19 6.51 -26.45
C ALA A 45 0.27 6.13 -26.56
N ASP A 46 1.12 6.79 -25.80
CA ASP A 46 2.52 6.38 -25.73
C ASP A 46 2.68 5.55 -24.46
N TYR A 47 2.56 4.24 -24.60
CA TYR A 47 2.64 3.38 -23.43
C TYR A 47 4.06 3.21 -22.94
N SER A 48 5.07 3.66 -23.70
CA SER A 48 6.46 3.53 -23.26
C SER A 48 6.71 4.29 -21.96
N VAL A 49 5.94 5.33 -21.68
CA VAL A 49 6.11 6.01 -20.39
C VAL A 49 5.81 5.06 -19.24
N LEU A 50 5.07 3.99 -19.51
CA LEU A 50 4.76 2.97 -18.51
C LEU A 50 5.76 1.83 -18.55
N TYR A 51 5.89 1.17 -19.69
CA TYR A 51 6.67 -0.05 -19.66
C TYR A 51 8.19 0.21 -19.60
N ASN A 52 8.65 1.43 -19.87
CA ASN A 52 10.06 1.74 -19.62
C ASN A 52 10.32 2.22 -18.21
N SER A 53 9.29 2.31 -17.37
CA SER A 53 9.45 2.80 -15.99
C SER A 53 9.87 1.67 -15.05
N ALA A 54 10.80 1.98 -14.15
CA ALA A 54 11.19 1.11 -13.05
C ALA A 54 10.41 1.37 -11.77
N SER A 55 9.35 2.19 -11.82
CA SER A 55 8.66 2.64 -10.61
C SER A 55 7.61 1.67 -10.09
N PHE A 56 7.36 0.54 -10.74
CA PHE A 56 6.20 -0.30 -10.45
C PHE A 56 6.60 -1.58 -9.74
N SER A 57 5.73 -2.10 -8.87
CA SER A 57 6.01 -3.38 -8.21
C SER A 57 5.33 -4.57 -8.88
N THR A 58 4.21 -4.31 -9.56
CA THR A 58 3.45 -5.32 -10.31
C THR A 58 3.15 -4.72 -11.67
N PHE A 59 3.35 -5.49 -12.73
CA PHE A 59 3.06 -5.02 -14.09
C PHE A 59 2.76 -6.28 -14.91
N LYS A 60 1.48 -6.62 -15.02
CA LYS A 60 1.07 -7.88 -15.65
C LYS A 60 0.07 -7.58 -16.75
N CYS A 61 0.33 -8.04 -17.97
CA CYS A 61 -0.58 -7.82 -19.08
C CYS A 61 -1.17 -9.13 -19.58
N TYR A 62 -2.48 -9.13 -19.82
CA TYR A 62 -3.25 -10.29 -20.21
C TYR A 62 -3.77 -10.12 -21.63
N GLY A 63 -3.50 -11.11 -22.48
CA GLY A 63 -3.99 -11.00 -23.84
C GLY A 63 -3.18 -10.06 -24.72
N VAL A 64 -2.12 -9.45 -24.21
CA VAL A 64 -1.35 -8.49 -24.98
C VAL A 64 0.00 -8.35 -24.30
N SER A 65 1.08 -8.13 -25.10
CA SER A 65 2.40 -7.83 -24.53
C SER A 65 2.59 -6.32 -24.47
N PRO A 66 3.03 -5.74 -23.36
CA PRO A 66 3.09 -4.27 -23.32
C PRO A 66 4.11 -3.68 -24.28
N THR A 67 5.12 -4.43 -24.70
CA THR A 67 6.09 -3.90 -25.63
C THR A 67 5.59 -3.91 -27.06
N LYS A 68 4.42 -4.50 -27.31
CA LYS A 68 3.76 -4.40 -28.60
C LYS A 68 2.65 -3.34 -28.63
N LEU A 69 2.37 -2.68 -27.49
CA LEU A 69 1.23 -1.77 -27.40
C LEU A 69 1.41 -0.53 -28.28
N ASN A 70 2.64 -0.03 -28.42
CA ASN A 70 2.80 1.18 -29.22
C ASN A 70 2.52 0.95 -30.70
N ASP A 71 2.28 -0.29 -31.11
CA ASP A 71 1.92 -0.59 -32.50
C ASP A 71 0.51 -1.14 -32.63
N LEU A 72 -0.39 -0.86 -31.67
CA LEU A 72 -1.72 -1.45 -31.65
C LEU A 72 -2.77 -0.34 -31.48
N CYS A 73 -3.97 -0.61 -31.98
CA CYS A 73 -5.08 0.33 -31.96
C CYS A 73 -6.26 -0.31 -31.22
N PHE A 74 -6.93 0.47 -30.37
CA PHE A 74 -8.09 -0.06 -29.66
C PHE A 74 -9.27 0.88 -29.86
N THR A 75 -10.48 0.36 -29.65
CA THR A 75 -11.68 1.20 -29.76
C THR A 75 -11.67 2.28 -28.68
N ASN A 76 -11.43 1.86 -27.44
CA ASN A 76 -11.27 2.75 -26.30
C ASN A 76 -10.32 2.09 -25.33
N VAL A 77 -9.75 2.89 -24.43
CA VAL A 77 -9.01 2.38 -23.28
C VAL A 77 -9.68 2.90 -22.01
N TYR A 78 -9.78 2.04 -20.99
CA TYR A 78 -10.26 2.48 -19.69
C TYR A 78 -9.14 2.33 -18.68
N ALA A 79 -9.01 3.33 -17.81
CA ALA A 79 -8.01 3.32 -16.74
C ALA A 79 -8.77 3.37 -15.43
N ASP A 80 -8.80 2.25 -14.72
CA ASP A 80 -9.44 2.15 -13.41
C ASP A 80 -8.38 2.28 -12.34
N SER A 81 -8.67 3.01 -11.26
CA SER A 81 -7.63 3.16 -10.25
C SER A 81 -8.20 3.23 -8.85
N PHE A 82 -7.36 2.85 -7.88
CA PHE A 82 -7.75 2.72 -6.49
C PHE A 82 -6.53 2.32 -5.68
N VAL A 83 -6.68 2.31 -4.36
CA VAL A 83 -5.65 1.84 -3.45
C VAL A 83 -6.15 0.60 -2.71
N ILE A 84 -5.26 -0.38 -2.52
CA ILE A 84 -5.51 -1.57 -1.70
C ILE A 84 -4.22 -1.88 -0.97
N ARG A 85 -4.26 -2.86 -0.06
CA ARG A 85 -3.00 -3.18 0.59
C ARG A 85 -2.19 -4.14 -0.30
N GLY A 86 -0.87 -4.16 -0.05
CA GLY A 86 0.00 -4.89 -0.94
C GLY A 86 -0.38 -6.37 -1.09
N ASP A 87 -0.87 -6.99 -0.01
CA ASP A 87 -1.12 -8.43 -0.13
C ASP A 87 -2.42 -8.72 -0.88
N GLU A 88 -3.12 -7.68 -1.34
CA GLU A 88 -4.34 -7.86 -2.12
C GLU A 88 -4.13 -7.63 -3.61
N VAL A 89 -2.96 -7.15 -4.03
CA VAL A 89 -2.75 -6.86 -5.46
C VAL A 89 -2.93 -8.14 -6.28
N ARG A 90 -2.55 -9.28 -5.71
CA ARG A 90 -2.78 -10.58 -6.34
C ARG A 90 -4.23 -10.83 -6.68
N GLN A 91 -5.19 -10.15 -6.03
CA GLN A 91 -6.59 -10.40 -6.38
C GLN A 91 -7.03 -9.65 -7.63
N ILE A 92 -6.21 -8.71 -8.12
CA ILE A 92 -6.57 -7.93 -9.31
C ILE A 92 -6.02 -8.69 -10.50
N ALA A 93 -6.63 -9.82 -10.81
CA ALA A 93 -6.23 -10.68 -11.92
C ALA A 93 -7.43 -11.54 -12.26
N PRO A 94 -7.51 -12.04 -13.49
CA PRO A 94 -8.66 -12.87 -13.84
C PRO A 94 -8.77 -14.11 -12.96
N GLY A 95 -10.00 -14.46 -12.61
CA GLY A 95 -10.26 -15.70 -11.91
C GLY A 95 -9.95 -15.72 -10.45
N GLN A 96 -9.62 -14.58 -9.83
CA GLN A 96 -9.19 -14.62 -8.45
C GLN A 96 -10.37 -14.40 -7.49
N THR A 97 -10.17 -14.80 -6.24
CA THR A 97 -11.21 -14.60 -5.22
C THR A 97 -10.61 -13.93 -3.99
N GLY A 98 -11.45 -13.53 -3.06
CA GLY A 98 -11.05 -12.72 -1.93
C GLY A 98 -11.97 -11.53 -1.78
N LYS A 99 -11.83 -10.81 -0.66
CA LYS A 99 -12.77 -9.71 -0.39
C LYS A 99 -12.71 -8.64 -1.49
N ILE A 100 -11.52 -8.42 -2.05
CA ILE A 100 -11.35 -7.39 -3.07
C ILE A 100 -11.98 -7.84 -4.39
N ALA A 101 -11.54 -9.00 -4.89
CA ALA A 101 -12.11 -9.52 -6.14
C ALA A 101 -13.61 -9.77 -6.02
N ASP A 102 -14.08 -10.26 -4.86
CA ASP A 102 -15.49 -10.64 -4.76
C ASP A 102 -16.40 -9.44 -4.56
N TYR A 103 -15.98 -8.47 -3.73
CA TYR A 103 -16.89 -7.40 -3.28
C TYR A 103 -16.49 -6.00 -3.70
N ASN A 104 -15.33 -5.81 -4.32
CA ASN A 104 -14.86 -4.45 -4.57
C ASN A 104 -14.53 -4.20 -6.05
N TYR A 105 -13.66 -5.02 -6.64
CA TYR A 105 -13.27 -4.83 -8.04
C TYR A 105 -12.96 -6.16 -8.70
N LYS A 106 -13.71 -6.50 -9.76
CA LYS A 106 -13.68 -7.84 -10.35
C LYS A 106 -13.27 -7.73 -11.81
N LEU A 107 -12.17 -8.43 -12.18
CA LEU A 107 -11.83 -8.48 -13.61
C LEU A 107 -12.52 -9.66 -14.28
N PRO A 108 -12.89 -9.55 -15.55
CA PRO A 108 -13.46 -10.70 -16.26
C PRO A 108 -12.40 -11.74 -16.59
N ASP A 109 -12.87 -12.98 -16.81
CA ASP A 109 -11.94 -14.06 -17.16
C ASP A 109 -11.20 -13.75 -18.46
N ASP A 110 -11.87 -13.13 -19.43
CA ASP A 110 -11.28 -12.87 -20.75
C ASP A 110 -10.62 -11.49 -20.85
N PHE A 111 -10.28 -10.90 -19.70
CA PHE A 111 -9.67 -9.58 -19.62
C PHE A 111 -8.51 -9.43 -20.60
N THR A 112 -8.54 -8.35 -21.38
CA THR A 112 -7.38 -7.93 -22.18
C THR A 112 -6.95 -6.56 -21.65
N GLY A 113 -5.77 -6.52 -21.03
CA GLY A 113 -5.31 -5.28 -20.42
C GLY A 113 -4.13 -5.55 -19.50
N CYS A 114 -3.73 -4.50 -18.78
CA CYS A 114 -2.57 -4.54 -17.90
C CYS A 114 -3.00 -4.13 -16.50
N VAL A 115 -2.44 -4.82 -15.51
CA VAL A 115 -2.61 -4.46 -14.11
C VAL A 115 -1.26 -3.93 -13.65
N ILE A 116 -1.24 -2.69 -13.16
CA ILE A 116 0.00 -2.01 -12.82
C ILE A 116 -0.14 -1.49 -11.39
N ALA A 117 0.82 -1.80 -10.53
CA ALA A 117 0.73 -1.34 -9.14
C ALA A 117 2.09 -0.89 -8.61
N TRP A 118 2.06 -0.05 -7.57
CA TRP A 118 3.29 0.42 -6.97
C TRP A 118 3.05 0.79 -5.51
N ASN A 119 4.10 0.59 -4.70
CA ASN A 119 3.99 0.87 -3.29
C ASN A 119 3.85 2.38 -3.12
N SER A 120 2.89 2.82 -2.31
CA SER A 120 2.66 4.24 -2.10
C SER A 120 2.73 4.62 -0.63
N ASN A 121 3.60 3.93 0.12
CA ASN A 121 3.67 4.13 1.57
C ASN A 121 3.93 5.58 1.96
N ASN A 122 4.77 6.28 1.19
CA ASN A 122 5.14 7.64 1.58
C ASN A 122 4.09 8.68 1.14
N LEU A 123 3.10 8.29 0.31
CA LEU A 123 1.96 9.12 -0.05
C LEU A 123 0.74 8.86 0.80
N ASP A 124 0.47 7.57 1.11
CA ASP A 124 -0.85 7.17 1.57
C ASP A 124 -0.89 6.64 3.01
N SER A 125 0.24 6.52 3.68
CA SER A 125 0.22 6.14 5.09
C SER A 125 0.74 7.30 5.93
N LYS A 126 0.42 7.30 7.22
CA LYS A 126 0.99 8.28 8.13
C LYS A 126 1.01 7.73 9.55
N VAL A 127 1.99 8.23 10.32
CA VAL A 127 2.05 7.92 11.74
C VAL A 127 0.71 8.20 12.39
N GLY A 128 0.22 7.25 13.17
CA GLY A 128 -1.10 7.35 13.74
C GLY A 128 -2.17 6.72 12.89
N GLY A 129 -1.88 6.49 11.60
CA GLY A 129 -2.83 5.84 10.74
C GLY A 129 -3.57 6.77 9.82
N ASN A 130 -3.57 6.45 8.51
CA ASN A 130 -4.50 7.06 7.56
C ASN A 130 -5.65 6.08 7.36
N TYR A 131 -6.88 6.51 7.70
CA TYR A 131 -8.05 5.65 7.61
C TYR A 131 -8.99 6.03 6.48
N ASN A 132 -8.57 6.91 5.56
CA ASN A 132 -9.50 7.40 4.55
C ASN A 132 -9.77 6.39 3.43
N TYR A 133 -8.95 5.35 3.30
CA TYR A 133 -9.17 4.35 2.26
C TYR A 133 -9.99 3.20 2.83
N LEU A 134 -11.10 2.87 2.14
CA LEU A 134 -12.07 1.89 2.59
C LEU A 134 -12.17 0.73 1.60
N TYR A 135 -12.67 -0.42 2.06
CA TYR A 135 -13.04 -1.51 1.15
C TYR A 135 -14.32 -2.14 1.69
N ARG A 136 -15.06 -2.79 0.80
CA ARG A 136 -16.31 -3.45 1.19
C ARG A 136 -15.98 -4.84 1.73
N LEU A 137 -16.51 -5.13 2.93
CA LEU A 137 -16.16 -6.35 3.64
C LEU A 137 -17.23 -7.42 3.52
N PHE A 138 -18.49 -7.02 3.28
CA PHE A 138 -19.64 -7.91 3.18
C PHE A 138 -20.46 -7.56 1.95
N ARG A 139 -20.95 -8.58 1.25
CA ARG A 139 -21.94 -8.37 0.20
C ARG A 139 -22.76 -9.63 0.04
N LYS A 140 -24.03 -9.46 -0.38
CA LYS A 140 -24.93 -10.60 -0.58
C LYS A 140 -24.49 -11.48 -1.73
N SER A 141 -23.85 -10.91 -2.74
CA SER A 141 -23.37 -11.71 -3.87
C SER A 141 -22.08 -11.10 -4.41
N ASN A 142 -21.35 -11.88 -5.20
CA ASN A 142 -20.11 -11.38 -5.77
C ASN A 142 -20.39 -10.39 -6.89
N LEU A 143 -19.52 -9.38 -7.02
CA LEU A 143 -19.59 -8.46 -8.14
C LEU A 143 -19.42 -9.17 -9.47
N LYS A 144 -20.17 -8.72 -10.48
CA LYS A 144 -19.85 -9.07 -11.85
C LYS A 144 -18.63 -8.26 -12.32
N PRO A 145 -17.97 -8.70 -13.39
CA PRO A 145 -16.77 -7.97 -13.87
C PRO A 145 -17.05 -6.50 -14.15
N PHE A 146 -16.19 -5.62 -13.64
CA PHE A 146 -16.27 -4.17 -13.80
C PHE A 146 -17.53 -3.56 -13.17
N GLU A 147 -18.18 -4.28 -12.26
CA GLU A 147 -19.30 -3.72 -11.50
C GLU A 147 -18.74 -2.89 -10.36
N ARG A 148 -19.46 -1.84 -9.98
CA ARG A 148 -19.12 -1.01 -8.84
C ARG A 148 -20.33 -0.91 -7.91
N ASP A 149 -20.09 -1.05 -6.61
CA ASP A 149 -21.12 -0.96 -5.58
C ASP A 149 -20.67 0.08 -4.55
N ILE A 150 -21.36 1.23 -4.51
CA ILE A 150 -21.03 2.26 -3.52
C ILE A 150 -22.13 2.41 -2.47
N SER A 151 -23.04 1.45 -2.38
CA SER A 151 -24.10 1.54 -1.39
C SER A 151 -23.53 1.35 0.00
N THR A 152 -24.21 1.90 0.99
CA THR A 152 -23.82 1.71 2.38
C THR A 152 -24.98 1.19 3.22
N GLU A 153 -25.83 0.35 2.64
CA GLU A 153 -26.89 -0.33 3.40
C GLU A 153 -26.29 -1.27 4.42
N ILE A 154 -26.91 -1.33 5.61
CA ILE A 154 -26.47 -2.27 6.63
C ILE A 154 -26.65 -3.69 6.11
N TYR A 155 -25.60 -4.51 6.26
CA TYR A 155 -25.57 -5.87 5.76
C TYR A 155 -26.29 -6.82 6.71
N GLN A 156 -27.38 -7.45 6.25
CA GLN A 156 -28.11 -8.40 7.08
C GLN A 156 -27.43 -9.76 6.99
N ALA A 157 -26.57 -10.07 7.96
CA ALA A 157 -25.86 -11.34 8.01
C ALA A 157 -26.67 -12.47 8.65
N GLY A 158 -27.88 -12.19 9.13
CA GLY A 158 -28.69 -13.24 9.73
C GLY A 158 -30.16 -13.20 9.34
N SER A 159 -31.01 -13.81 10.18
CA SER A 159 -32.43 -13.90 9.87
C SER A 159 -33.20 -12.65 10.29
N THR A 160 -32.69 -11.88 11.24
CA THR A 160 -33.44 -10.74 11.75
C THR A 160 -33.19 -9.50 10.86
N PRO A 161 -34.24 -8.89 10.31
CA PRO A 161 -34.02 -7.66 9.51
C PRO A 161 -33.35 -6.56 10.31
N CYS A 162 -32.49 -5.78 9.64
CA CYS A 162 -31.71 -4.77 10.35
C CYS A 162 -32.44 -3.44 10.46
N ASN A 163 -33.34 -3.15 9.52
CA ASN A 163 -34.11 -1.90 9.49
C ASN A 163 -33.20 -0.69 9.68
N GLY A 164 -32.08 -0.69 8.94
CA GLY A 164 -31.17 0.43 8.87
C GLY A 164 -30.38 0.75 10.12
N VAL A 165 -30.34 -0.17 11.09
CA VAL A 165 -29.64 0.05 12.34
C VAL A 165 -28.66 -1.10 12.54
N GLU A 166 -27.47 -0.77 13.04
CA GLU A 166 -26.41 -1.76 13.20
C GLU A 166 -26.56 -2.50 14.51
N GLY A 167 -26.03 -3.73 14.55
CA GLY A 167 -26.05 -4.51 15.77
C GLY A 167 -25.59 -5.93 15.49
N PHE A 168 -26.03 -6.86 16.36
CA PHE A 168 -25.69 -8.27 16.17
C PHE A 168 -26.17 -8.74 14.81
N ASN A 169 -25.25 -9.27 13.99
CA ASN A 169 -25.53 -9.74 12.63
C ASN A 169 -26.07 -8.65 11.72
N CYS A 170 -25.72 -7.40 11.99
CA CYS A 170 -26.21 -6.25 11.22
C CYS A 170 -25.05 -5.25 11.14
N TYR A 171 -24.23 -5.37 10.08
CA TYR A 171 -22.93 -4.70 10.01
C TYR A 171 -22.95 -3.58 8.97
N PHE A 172 -22.30 -2.47 9.31
CA PHE A 172 -21.88 -1.53 8.29
C PHE A 172 -20.94 -2.28 7.33
N PRO A 173 -21.16 -2.19 6.02
CA PRO A 173 -20.44 -3.06 5.08
C PRO A 173 -19.05 -2.59 4.65
N LEU A 174 -18.64 -1.35 4.96
CA LEU A 174 -17.31 -0.88 4.60
C LEU A 174 -16.41 -0.86 5.83
N GLN A 175 -15.14 -1.19 5.61
CA GLN A 175 -14.08 -1.12 6.61
C GLN A 175 -12.93 -0.26 6.08
N SER A 176 -12.27 0.44 7.00
CA SER A 176 -11.07 1.23 6.69
C SER A 176 -9.81 0.37 6.70
N TYR A 177 -8.92 0.59 5.72
CA TYR A 177 -7.54 0.21 5.93
C TYR A 177 -6.92 1.13 6.96
N GLY A 178 -5.97 0.63 7.73
CA GLY A 178 -5.26 1.56 8.59
C GLY A 178 -3.82 1.61 8.17
N PHE A 179 -3.46 2.53 7.27
CA PHE A 179 -2.12 2.54 6.70
C PHE A 179 -1.22 3.37 7.63
N GLN A 180 -0.25 2.72 8.26
CA GLN A 180 0.84 3.36 9.00
C GLN A 180 2.16 2.99 8.36
N PRO A 181 3.14 3.90 8.33
CA PRO A 181 4.34 3.63 7.52
C PRO A 181 5.15 2.47 8.04
N THR A 182 5.05 2.10 9.33
CA THR A 182 5.80 0.97 9.84
C THR A 182 5.10 -0.35 9.58
N ASN A 183 3.94 -0.33 8.93
CA ASN A 183 3.29 -1.57 8.52
C ASN A 183 4.26 -2.44 7.72
N GLY A 184 4.11 -3.77 7.84
CA GLY A 184 4.79 -4.63 6.90
C GLY A 184 4.29 -4.37 5.48
N VAL A 185 5.10 -4.73 4.48
CA VAL A 185 4.80 -4.30 3.12
C VAL A 185 3.50 -4.92 2.63
N GLY A 186 3.11 -6.08 3.15
CA GLY A 186 1.83 -6.68 2.77
C GLY A 186 0.64 -5.85 3.19
N TYR A 187 0.80 -5.01 4.22
CA TYR A 187 -0.24 -4.15 4.77
C TYR A 187 0.01 -2.68 4.45
N GLN A 188 0.98 -2.36 3.61
CA GLN A 188 1.21 -1.00 3.15
C GLN A 188 0.33 -0.72 1.93
N PRO A 189 0.04 0.55 1.65
CA PRO A 189 -0.85 0.87 0.52
C PRO A 189 -0.13 0.76 -0.81
N TYR A 190 -0.88 0.29 -1.80
CA TYR A 190 -0.40 0.21 -3.17
C TYR A 190 -1.42 0.94 -4.04
N ARG A 191 -0.94 1.86 -4.86
CA ARG A 191 -1.77 2.45 -5.90
C ARG A 191 -1.81 1.50 -7.09
N VAL A 192 -3.00 1.31 -7.62
CA VAL A 192 -3.22 0.34 -8.68
C VAL A 192 -3.89 1.06 -9.84
N VAL A 193 -3.42 0.79 -11.05
CA VAL A 193 -4.09 1.22 -12.26
C VAL A 193 -4.33 -0.01 -13.13
N VAL A 194 -5.58 -0.23 -13.53
CA VAL A 194 -5.95 -1.29 -14.46
C VAL A 194 -6.29 -0.65 -15.78
N LEU A 195 -5.52 -1.00 -16.83
CA LEU A 195 -5.81 -0.56 -18.21
C LEU A 195 -6.56 -1.65 -18.94
N SER A 196 -7.78 -1.35 -19.40
CA SER A 196 -8.57 -2.25 -20.22
C SER A 196 -8.45 -1.80 -21.65
N PHE A 197 -8.11 -2.73 -22.56
CA PHE A 197 -7.96 -2.40 -23.99
C PHE A 197 -9.14 -2.98 -24.72
N GLU A 198 -10.11 -2.12 -25.04
CA GLU A 198 -11.39 -2.56 -25.55
C GLU A 198 -11.32 -2.65 -27.08
N LEU A 199 -11.77 -3.77 -27.64
CA LEU A 199 -11.85 -4.00 -29.07
C LEU A 199 -13.28 -4.35 -29.44
N LEU A 200 -13.98 -3.42 -30.08
CA LEU A 200 -15.35 -3.61 -30.53
C LEU A 200 -15.39 -3.56 -32.04
N HIS A 201 -16.51 -3.99 -32.66
CA HIS A 201 -16.68 -3.78 -34.10
C HIS A 201 -17.07 -2.31 -34.34
N ALA A 202 -16.06 -1.45 -34.28
CA ALA A 202 -16.24 0.00 -34.36
C ALA A 202 -14.88 0.61 -34.64
N PRO A 203 -14.84 1.84 -35.17
CA PRO A 203 -13.53 2.44 -35.47
C PRO A 203 -12.65 2.56 -34.25
N ALA A 204 -11.33 2.42 -34.47
CA ALA A 204 -10.38 2.59 -33.38
C ALA A 204 -10.22 4.07 -33.05
N THR A 205 -10.08 4.41 -31.77
CA THR A 205 -9.80 5.80 -31.41
C THR A 205 -8.56 5.96 -30.55
N VAL A 206 -7.92 4.88 -30.12
CA VAL A 206 -6.69 4.98 -29.33
C VAL A 206 -5.64 4.11 -30.00
N CYS A 207 -4.63 4.74 -30.59
CA CYS A 207 -3.56 4.05 -31.31
C CYS A 207 -2.22 4.40 -30.69
N GLY A 208 -1.28 3.47 -30.79
CA GLY A 208 0.08 3.76 -30.39
C GLY A 208 0.75 4.68 -31.40
N PRO A 209 1.90 5.24 -31.02
CA PRO A 209 2.57 6.19 -31.93
C PRO A 209 2.99 5.57 -33.24
N LYS A 210 3.38 4.28 -33.23
CA LYS A 210 3.79 3.56 -34.43
C LYS A 210 2.62 3.21 -35.34
N LYS A 211 1.38 3.48 -34.93
CA LYS A 211 0.21 3.24 -35.78
C LYS A 211 -0.63 4.50 -36.01
N GLN B 1 -17.45 -20.51 -6.99
CA GLN B 1 -18.33 -20.89 -8.07
C GLN B 1 -17.64 -21.51 -9.31
N VAL B 2 -16.30 -21.53 -9.40
CA VAL B 2 -15.66 -22.44 -10.34
C VAL B 2 -15.97 -23.86 -9.89
N GLN B 3 -16.44 -24.70 -10.83
CA GLN B 3 -16.66 -26.11 -10.55
C GLN B 3 -16.08 -26.95 -11.69
N LEU B 4 -15.39 -28.05 -11.32
CA LEU B 4 -14.85 -29.02 -12.25
C LEU B 4 -15.43 -30.36 -11.83
N VAL B 5 -16.25 -30.96 -12.67
CA VAL B 5 -17.00 -32.16 -12.31
C VAL B 5 -16.60 -33.26 -13.27
N GLN B 6 -16.01 -34.33 -12.74
CA GLN B 6 -15.46 -35.38 -13.58
C GLN B 6 -16.42 -36.55 -13.72
N SER B 7 -16.20 -37.36 -14.75
CA SER B 7 -16.99 -38.55 -14.97
C SER B 7 -16.69 -39.62 -13.90
N GLY B 8 -17.50 -40.69 -13.91
CA GLY B 8 -17.41 -41.69 -12.86
C GLY B 8 -16.31 -42.72 -13.08
N ALA B 9 -15.98 -43.42 -11.99
CA ALA B 9 -14.96 -44.44 -12.03
C ALA B 9 -15.27 -45.49 -13.08
N GLU B 10 -14.24 -46.15 -13.57
CA GLU B 10 -14.39 -47.18 -14.59
C GLU B 10 -13.32 -48.23 -14.35
N VAL B 11 -13.62 -49.46 -14.76
CA VAL B 11 -12.63 -50.53 -14.83
C VAL B 11 -12.42 -50.85 -16.31
N LYS B 12 -11.15 -51.09 -16.70
CA LYS B 12 -10.77 -51.42 -18.06
C LYS B 12 -9.70 -52.49 -18.04
N LYS B 13 -9.70 -53.37 -19.05
CA LYS B 13 -8.72 -54.45 -19.11
C LYS B 13 -7.34 -53.95 -19.52
N PRO B 14 -6.27 -54.62 -19.09
CA PRO B 14 -4.94 -54.33 -19.63
C PRO B 14 -5.00 -54.28 -21.15
N GLY B 15 -4.32 -53.29 -21.74
CA GLY B 15 -4.33 -53.13 -23.17
C GLY B 15 -5.49 -52.33 -23.72
N ALA B 16 -6.51 -52.03 -22.92
CA ALA B 16 -7.64 -51.27 -23.41
C ALA B 16 -7.34 -49.77 -23.29
N SER B 17 -8.34 -48.92 -23.53
CA SER B 17 -8.21 -47.48 -23.38
C SER B 17 -9.34 -46.94 -22.52
N VAL B 18 -9.12 -45.79 -21.91
CA VAL B 18 -10.13 -45.17 -21.07
C VAL B 18 -10.20 -43.69 -21.44
N LYS B 19 -11.39 -43.10 -21.28
CA LYS B 19 -11.61 -41.67 -21.52
C LYS B 19 -12.36 -41.10 -20.33
N VAL B 20 -11.77 -40.07 -19.70
CA VAL B 20 -12.31 -39.40 -18.52
C VAL B 20 -12.68 -37.97 -18.92
N SER B 21 -13.81 -37.48 -18.41
CA SER B 21 -14.21 -36.12 -18.75
C SER B 21 -14.16 -35.25 -17.51
N CYS B 22 -14.05 -33.94 -17.78
CA CYS B 22 -13.98 -32.88 -16.77
C CYS B 22 -14.88 -31.76 -17.28
N LYS B 23 -16.06 -31.62 -16.71
CA LYS B 23 -17.00 -30.58 -17.13
C LYS B 23 -16.81 -29.35 -16.27
N ALA B 24 -16.53 -28.23 -16.91
CA ALA B 24 -16.21 -26.98 -16.23
C ALA B 24 -17.43 -26.06 -16.21
N SER B 25 -17.64 -25.38 -15.09
CA SER B 25 -18.71 -24.40 -15.07
C SER B 25 -18.31 -23.25 -14.16
N GLY B 26 -19.06 -22.14 -14.27
CA GLY B 26 -18.85 -20.99 -13.41
C GLY B 26 -17.74 -20.06 -13.85
N TYR B 27 -17.22 -20.22 -15.07
CA TYR B 27 -16.22 -19.28 -15.56
C TYR B 27 -16.17 -19.41 -17.07
N THR B 28 -15.49 -18.46 -17.72
CA THR B 28 -15.36 -18.51 -19.18
C THR B 28 -14.38 -19.63 -19.57
N PHE B 29 -14.94 -20.74 -20.05
CA PHE B 29 -14.20 -21.98 -20.31
C PHE B 29 -12.94 -21.74 -21.13
N THR B 30 -13.05 -21.01 -22.24
CA THR B 30 -11.93 -20.89 -23.16
C THR B 30 -10.84 -19.93 -22.68
N SER B 31 -10.98 -19.29 -21.52
CA SER B 31 -9.95 -18.36 -21.08
C SER B 31 -8.79 -19.04 -20.34
N TYR B 32 -8.85 -20.36 -20.09
CA TYR B 32 -7.91 -20.97 -19.15
C TYR B 32 -7.38 -22.27 -19.73
N TYR B 33 -6.14 -22.61 -19.37
CA TYR B 33 -5.63 -23.94 -19.69
C TYR B 33 -6.22 -24.96 -18.72
N MET B 34 -6.21 -26.21 -19.13
CA MET B 34 -6.55 -27.29 -18.20
C MET B 34 -5.41 -28.29 -18.20
N HIS B 35 -5.11 -28.83 -17.04
CA HIS B 35 -4.05 -29.81 -16.89
C HIS B 35 -4.65 -31.09 -16.36
N TRP B 36 -3.92 -32.20 -16.52
CA TRP B 36 -4.30 -33.46 -15.88
C TRP B 36 -3.14 -33.96 -15.02
N VAL B 37 -3.51 -34.47 -13.85
CA VAL B 37 -2.58 -34.97 -12.85
C VAL B 37 -3.16 -36.30 -12.35
N ARG B 38 -2.33 -37.33 -12.19
CA ARG B 38 -2.87 -38.56 -11.65
C ARG B 38 -2.16 -38.98 -10.37
N GLN B 39 -2.77 -39.92 -9.65
CA GLN B 39 -2.26 -40.37 -8.36
C GLN B 39 -2.61 -41.84 -8.17
N ALA B 40 -1.61 -42.70 -8.18
CA ALA B 40 -1.84 -44.11 -7.92
C ALA B 40 -2.19 -44.33 -6.43
N PRO B 41 -3.02 -45.34 -6.12
CA PRO B 41 -3.42 -45.56 -4.72
C PRO B 41 -2.25 -45.54 -3.75
N GLY B 42 -2.33 -44.67 -2.74
CA GLY B 42 -1.29 -44.52 -1.75
C GLY B 42 -0.01 -43.86 -2.22
N GLN B 43 0.07 -43.42 -3.48
CA GLN B 43 1.28 -42.82 -4.03
C GLN B 43 1.13 -41.30 -4.19
N GLY B 44 2.14 -40.68 -4.82
CA GLY B 44 2.19 -39.24 -5.01
C GLY B 44 1.51 -38.81 -6.31
N LEU B 45 1.75 -37.56 -6.67
CA LEU B 45 1.07 -36.90 -7.78
C LEU B 45 2.00 -36.91 -9.00
N GLU B 46 1.41 -37.08 -10.18
CA GLU B 46 2.17 -37.17 -11.42
C GLU B 46 1.48 -36.31 -12.49
N TRP B 47 2.20 -35.33 -13.03
CA TRP B 47 1.65 -34.48 -14.07
C TRP B 47 1.65 -35.21 -15.41
N MET B 48 0.54 -35.14 -16.14
CA MET B 48 0.39 -35.80 -17.43
C MET B 48 0.51 -34.85 -18.63
N GLY B 49 -0.02 -33.63 -18.53
CA GLY B 49 -0.02 -32.77 -19.70
C GLY B 49 -1.00 -31.62 -19.53
N ILE B 50 -1.06 -30.80 -20.58
CA ILE B 50 -1.81 -29.53 -20.55
C ILE B 50 -2.52 -29.37 -21.88
N ILE B 51 -3.74 -28.83 -21.86
CA ILE B 51 -4.43 -28.52 -23.09
C ILE B 51 -4.94 -27.07 -23.03
N ASN B 52 -4.80 -26.38 -24.15
CA ASN B 52 -5.40 -25.06 -24.36
C ASN B 52 -6.90 -25.21 -24.59
N SER B 53 -7.72 -24.67 -23.68
CA SER B 53 -9.16 -24.89 -23.82
C SER B 53 -9.74 -24.15 -25.02
N SER B 54 -9.04 -23.16 -25.55
CA SER B 54 -9.63 -22.41 -26.66
C SER B 54 -9.31 -23.09 -28.00
N GLY B 55 -8.03 -23.29 -28.30
CA GLY B 55 -7.64 -23.87 -29.59
C GLY B 55 -7.34 -25.35 -29.58
N GLY B 56 -7.20 -25.99 -28.42
CA GLY B 56 -7.03 -27.43 -28.35
C GLY B 56 -5.61 -27.95 -28.44
N SER B 57 -4.61 -27.09 -28.57
CA SER B 57 -3.24 -27.60 -28.66
C SER B 57 -2.82 -28.19 -27.32
N THR B 58 -1.90 -29.15 -27.37
CA THR B 58 -1.56 -29.94 -26.19
C THR B 58 -0.05 -30.02 -26.02
N SER B 59 0.36 -30.33 -24.79
CA SER B 59 1.72 -30.82 -24.55
C SER B 59 1.64 -31.89 -23.46
N TYR B 60 2.25 -33.04 -23.71
CA TYR B 60 2.21 -34.17 -22.78
C TYR B 60 3.58 -34.43 -22.17
N ALA B 61 3.60 -34.88 -20.91
CA ALA B 61 4.85 -35.39 -20.36
C ALA B 61 5.38 -36.49 -21.29
N GLN B 62 6.71 -36.52 -21.46
CA GLN B 62 7.33 -37.51 -22.35
C GLN B 62 6.89 -38.95 -22.05
N LYS B 63 6.77 -39.33 -20.78
CA LYS B 63 6.45 -40.74 -20.51
C LYS B 63 5.06 -41.13 -20.98
N PHE B 64 4.18 -40.17 -21.24
CA PHE B 64 2.86 -40.48 -21.76
C PHE B 64 2.73 -40.25 -23.26
N GLN B 65 3.78 -39.74 -23.91
CA GLN B 65 3.68 -39.43 -25.34
C GLN B 65 3.38 -40.69 -26.15
N GLY B 66 2.31 -40.63 -26.94
CA GLY B 66 1.85 -41.75 -27.74
C GLY B 66 0.78 -42.60 -27.08
N ARG B 67 0.48 -42.37 -25.82
CA ARG B 67 -0.55 -43.11 -25.13
C ARG B 67 -1.71 -42.25 -24.67
N VAL B 68 -1.49 -40.95 -24.45
CA VAL B 68 -2.50 -40.05 -23.89
C VAL B 68 -2.91 -39.09 -25.00
N THR B 69 -4.19 -38.75 -25.05
CA THR B 69 -4.61 -37.60 -25.84
C THR B 69 -5.57 -36.78 -25.00
N MET B 70 -5.43 -35.47 -25.05
CA MET B 70 -6.36 -34.60 -24.36
C MET B 70 -7.15 -33.83 -25.41
N THR B 71 -8.43 -33.65 -25.16
CA THR B 71 -9.27 -32.93 -26.11
C THR B 71 -10.21 -32.04 -25.32
N ARG B 72 -10.85 -31.11 -26.02
CA ARG B 72 -11.80 -30.20 -25.40
C ARG B 72 -12.98 -29.99 -26.34
N ASP B 73 -14.17 -29.85 -25.76
CA ASP B 73 -15.38 -29.48 -26.49
C ASP B 73 -15.89 -28.15 -25.92
N THR B 74 -15.77 -27.06 -26.68
CA THR B 74 -16.11 -25.75 -26.10
C THR B 74 -17.61 -25.58 -25.89
N SER B 75 -18.43 -26.11 -26.80
CA SER B 75 -19.88 -25.94 -26.63
C SER B 75 -20.42 -26.67 -25.40
N THR B 76 -19.67 -27.62 -24.82
CA THR B 76 -20.10 -28.25 -23.58
C THR B 76 -19.15 -27.96 -22.40
N SER B 77 -18.19 -27.04 -22.58
CA SER B 77 -17.26 -26.68 -21.50
C SER B 77 -16.62 -27.91 -20.85
N THR B 78 -16.26 -28.90 -21.68
CA THR B 78 -15.75 -30.18 -21.18
C THR B 78 -14.35 -30.48 -21.74
N VAL B 79 -13.46 -30.93 -20.85
CA VAL B 79 -12.13 -31.39 -21.23
C VAL B 79 -12.07 -32.89 -21.02
N TYR B 80 -11.35 -33.59 -21.89
CA TYR B 80 -11.27 -35.04 -21.84
C TYR B 80 -9.82 -35.50 -21.82
N MET B 81 -9.57 -36.63 -21.15
CA MET B 81 -8.27 -37.27 -21.18
C MET B 81 -8.48 -38.71 -21.57
N GLU B 82 -7.88 -39.15 -22.66
CA GLU B 82 -7.96 -40.56 -23.06
C GLU B 82 -6.58 -41.17 -22.88
N LEU B 83 -6.51 -42.34 -22.25
CA LEU B 83 -5.25 -43.02 -22.06
C LEU B 83 -5.39 -44.41 -22.64
N SER B 84 -4.46 -44.82 -23.50
CA SER B 84 -4.62 -46.09 -24.20
C SER B 84 -3.53 -47.07 -23.77
N SER B 85 -3.60 -48.30 -24.29
CA SER B 85 -2.67 -49.38 -23.94
C SER B 85 -2.48 -49.46 -22.43
N LEU B 86 -3.58 -49.62 -21.70
CA LEU B 86 -3.52 -49.51 -20.25
C LEU B 86 -2.73 -50.67 -19.64
N ARG B 87 -1.98 -50.37 -18.58
CA ARG B 87 -1.31 -51.38 -17.76
C ARG B 87 -1.65 -51.17 -16.29
N SER B 88 -1.30 -52.15 -15.44
CA SER B 88 -1.63 -52.03 -14.03
C SER B 88 -1.10 -50.73 -13.43
N GLU B 89 0.06 -50.26 -13.88
CA GLU B 89 0.63 -49.04 -13.34
C GLU B 89 -0.25 -47.82 -13.60
N ASP B 90 -1.27 -47.94 -14.46
CA ASP B 90 -2.18 -46.85 -14.80
C ASP B 90 -3.39 -46.78 -13.89
N THR B 91 -3.56 -47.77 -12.99
CA THR B 91 -4.59 -47.69 -11.98
C THR B 91 -4.32 -46.48 -11.07
N ALA B 92 -5.25 -45.54 -11.06
CA ALA B 92 -4.96 -44.26 -10.41
C ALA B 92 -6.22 -43.43 -10.42
N VAL B 93 -6.23 -42.41 -9.55
CA VAL B 93 -7.23 -41.35 -9.58
C VAL B 93 -6.68 -40.29 -10.53
N TYR B 94 -7.45 -39.96 -11.57
CA TYR B 94 -7.10 -38.93 -12.54
C TYR B 94 -7.85 -37.64 -12.18
N TYR B 95 -7.12 -36.53 -12.07
CA TYR B 95 -7.69 -35.22 -11.74
C TYR B 95 -7.50 -34.25 -12.90
N CYS B 96 -8.53 -33.47 -13.21
CA CYS B 96 -8.30 -32.25 -13.97
C CYS B 96 -8.06 -31.09 -13.01
N ALA B 97 -7.28 -30.11 -13.46
CA ALA B 97 -6.84 -29.04 -12.57
C ALA B 97 -6.63 -27.78 -13.40
N ARG B 98 -7.05 -26.64 -12.85
CA ARG B 98 -7.04 -25.38 -13.59
C ARG B 98 -6.12 -24.38 -12.90
N PRO B 99 -5.09 -23.90 -13.61
CA PRO B 99 -4.26 -22.81 -13.08
C PRO B 99 -4.86 -21.48 -13.51
N PRO B 100 -4.42 -20.37 -12.95
CA PRO B 100 -4.86 -19.06 -13.47
C PRO B 100 -4.24 -18.75 -14.82
N ARG B 101 -4.49 -17.53 -15.31
CA ARG B 101 -4.02 -17.20 -16.66
C ARG B 101 -2.55 -16.80 -16.62
N ASN B 102 -1.83 -17.13 -17.70
CA ASN B 102 -0.47 -16.64 -17.89
C ASN B 102 -0.54 -15.18 -18.33
N TYR B 103 0.61 -14.50 -18.35
CA TYR B 103 0.58 -13.08 -18.64
C TYR B 103 1.94 -12.67 -19.15
N TYR B 104 2.03 -11.43 -19.65
CA TYR B 104 3.29 -10.86 -20.09
C TYR B 104 3.77 -9.86 -19.05
N ASP B 105 5.06 -9.88 -18.75
CA ASP B 105 5.56 -8.91 -17.78
C ASP B 105 5.91 -7.62 -18.52
N ARG B 106 6.41 -6.65 -17.76
CA ARG B 106 6.67 -5.31 -18.29
C ARG B 106 7.69 -5.34 -19.42
N SER B 107 8.62 -6.30 -19.39
CA SER B 107 9.62 -6.39 -20.46
C SER B 107 9.11 -7.15 -21.68
N GLY B 108 7.88 -7.65 -21.66
CA GLY B 108 7.40 -8.37 -22.81
C GLY B 108 7.64 -9.86 -22.80
N TYR B 109 8.07 -10.42 -21.67
CA TYR B 109 8.32 -11.86 -21.60
C TYR B 109 7.08 -12.57 -21.06
N TYR B 110 6.72 -13.66 -21.74
CA TYR B 110 5.63 -14.54 -21.32
C TYR B 110 5.95 -15.27 -20.03
N GLN B 111 5.05 -15.17 -19.05
CA GLN B 111 5.23 -15.74 -17.74
C GLN B 111 4.14 -16.76 -17.47
N ARG B 112 4.54 -17.96 -17.09
CA ARG B 112 3.58 -19.01 -16.80
C ARG B 112 3.25 -18.94 -15.31
N ALA B 113 2.00 -19.26 -14.97
CA ALA B 113 1.54 -19.18 -13.59
C ALA B 113 0.89 -20.51 -13.27
N GLU B 114 1.71 -21.56 -13.19
CA GLU B 114 1.16 -22.90 -13.16
C GLU B 114 1.08 -23.40 -11.72
N TYR B 115 0.14 -22.80 -10.97
CA TYR B 115 -0.27 -23.32 -9.66
C TYR B 115 -1.78 -23.60 -9.71
N PHE B 116 -2.17 -24.80 -9.28
CA PHE B 116 -3.51 -25.32 -9.58
C PHE B 116 -4.46 -24.86 -8.50
N GLN B 117 -5.29 -23.87 -8.85
CA GLN B 117 -6.21 -23.27 -7.91
C GLN B 117 -7.53 -24.01 -7.81
N HIS B 118 -7.90 -24.76 -8.84
CA HIS B 118 -9.17 -25.51 -8.83
C HIS B 118 -8.89 -26.92 -9.31
N TRP B 119 -9.52 -27.91 -8.66
CA TRP B 119 -9.36 -29.30 -9.03
C TRP B 119 -10.73 -29.96 -9.21
N GLY B 120 -10.84 -30.88 -10.18
CA GLY B 120 -11.97 -31.80 -10.17
C GLY B 120 -11.93 -32.72 -8.94
N GLN B 121 -13.00 -33.49 -8.75
CA GLN B 121 -13.04 -34.42 -7.62
C GLN B 121 -12.23 -35.70 -7.88
N GLY B 122 -11.70 -35.91 -9.08
CA GLY B 122 -10.95 -37.13 -9.36
C GLY B 122 -11.83 -38.24 -9.92
N THR B 123 -11.22 -39.10 -10.75
CA THR B 123 -11.86 -40.27 -11.34
C THR B 123 -10.93 -41.45 -11.16
N LEU B 124 -11.35 -42.45 -10.38
CA LEU B 124 -10.57 -43.67 -10.21
C LEU B 124 -10.73 -44.55 -11.44
N VAL B 125 -9.64 -44.86 -12.12
CA VAL B 125 -9.62 -45.84 -13.22
C VAL B 125 -8.89 -47.07 -12.70
N THR B 126 -9.56 -48.22 -12.70
CA THR B 126 -8.96 -49.47 -12.26
C THR B 126 -8.64 -50.33 -13.50
N VAL B 127 -7.38 -50.71 -13.66
CA VAL B 127 -7.00 -51.58 -14.79
C VAL B 127 -6.99 -53.00 -14.28
N SER B 128 -7.90 -53.82 -14.81
CA SER B 128 -8.13 -55.15 -14.27
C SER B 128 -8.85 -55.99 -15.31
N SER B 129 -8.66 -57.31 -15.20
CA SER B 129 -9.43 -58.27 -15.96
C SER B 129 -10.75 -58.65 -15.30
N ALA B 130 -11.01 -58.21 -14.07
CA ALA B 130 -12.20 -58.69 -13.37
C ALA B 130 -13.46 -57.91 -13.78
N SER B 131 -14.62 -58.53 -13.51
CA SER B 131 -15.91 -57.98 -13.89
C SER B 131 -16.35 -56.89 -12.93
N THR B 132 -17.17 -55.97 -13.44
CA THR B 132 -17.86 -55.01 -12.57
C THR B 132 -18.97 -55.71 -11.81
N LYS B 133 -19.06 -55.46 -10.50
CA LYS B 133 -20.12 -56.04 -9.69
C LYS B 133 -20.65 -54.99 -8.74
N GLY B 134 -22.00 -54.85 -8.67
CA GLY B 134 -22.61 -53.88 -7.77
C GLY B 134 -22.70 -54.45 -6.35
N PRO B 135 -22.72 -53.57 -5.35
CA PRO B 135 -22.79 -54.03 -3.96
C PRO B 135 -24.20 -54.41 -3.52
N SER B 136 -24.26 -55.16 -2.43
CA SER B 136 -25.51 -55.20 -1.66
C SER B 136 -25.32 -54.33 -0.43
N VAL B 137 -26.41 -53.78 0.07
CA VAL B 137 -26.36 -52.84 1.19
C VAL B 137 -27.19 -53.42 2.31
N PHE B 138 -26.55 -53.69 3.46
CA PHE B 138 -27.21 -54.26 4.64
C PHE B 138 -27.16 -53.27 5.80
N PRO B 139 -28.22 -53.22 6.62
CA PRO B 139 -28.21 -52.31 7.78
C PRO B 139 -27.33 -52.84 8.91
N LEU B 140 -26.67 -51.90 9.61
CA LEU B 140 -25.99 -52.18 10.89
C LEU B 140 -26.88 -51.52 11.94
N ALA B 141 -27.68 -52.32 12.63
CA ALA B 141 -28.82 -51.69 13.29
C ALA B 141 -28.39 -51.22 14.68
N PRO B 142 -28.87 -50.04 15.13
CA PRO B 142 -28.59 -49.63 16.50
C PRO B 142 -29.35 -50.55 17.44
N SER B 143 -28.73 -50.89 18.56
CA SER B 143 -29.41 -51.79 19.49
C SER B 143 -29.72 -51.08 20.80
N GLY B 149 -30.66 -41.37 27.08
CA GLY B 149 -29.93 -40.16 26.77
C GLY B 149 -28.48 -40.31 26.31
N GLY B 150 -28.08 -41.54 25.93
CA GLY B 150 -26.69 -41.84 25.55
C GLY B 150 -26.37 -41.65 24.08
N THR B 151 -25.36 -42.39 23.61
CA THR B 151 -24.94 -42.37 22.21
C THR B 151 -25.20 -43.73 21.58
N ALA B 152 -25.75 -43.72 20.36
CA ALA B 152 -26.01 -44.95 19.63
C ALA B 152 -25.19 -44.97 18.36
N ALA B 153 -24.82 -46.16 17.89
CA ALA B 153 -24.15 -46.29 16.61
C ALA B 153 -25.01 -47.11 15.68
N LEU B 154 -25.05 -46.70 14.43
CA LEU B 154 -25.76 -47.42 13.40
C LEU B 154 -24.95 -47.27 12.14
N GLY B 155 -25.27 -48.05 11.11
CA GLY B 155 -24.48 -47.94 9.91
C GLY B 155 -25.04 -48.75 8.76
N CYS B 156 -24.26 -48.82 7.67
CA CYS B 156 -24.59 -49.64 6.52
C CYS B 156 -23.37 -50.46 6.15
N LEU B 157 -23.55 -51.75 5.86
CA LEU B 157 -22.47 -52.60 5.36
C LEU B 157 -22.65 -52.70 3.84
N VAL B 158 -21.63 -52.28 3.07
CA VAL B 158 -21.71 -52.24 1.60
C VAL B 158 -20.80 -53.34 1.09
N LYS B 159 -21.36 -54.49 0.71
CA LYS B 159 -20.58 -55.72 0.56
C LYS B 159 -20.55 -56.18 -0.89
N ASP B 160 -19.38 -56.67 -1.30
CA ASP B 160 -19.16 -57.46 -2.52
C ASP B 160 -19.30 -56.63 -3.78
N TYR B 161 -18.44 -55.64 -3.96
CA TYR B 161 -18.49 -54.85 -5.18
C TYR B 161 -17.11 -54.76 -5.82
N PHE B 162 -17.12 -54.42 -7.11
CA PHE B 162 -15.88 -54.19 -7.83
C PHE B 162 -16.18 -53.31 -9.03
N PRO B 163 -15.31 -52.37 -9.39
CA PRO B 163 -14.11 -51.90 -8.68
C PRO B 163 -14.50 -50.88 -7.61
N GLU B 164 -13.51 -50.34 -6.92
CA GLU B 164 -13.74 -49.13 -6.15
C GLU B 164 -14.09 -47.98 -7.10
N PRO B 165 -14.77 -46.92 -6.60
CA PRO B 165 -15.20 -46.73 -5.22
C PRO B 165 -16.70 -46.80 -5.08
N VAL B 166 -17.19 -46.91 -3.84
CA VAL B 166 -18.57 -46.54 -3.55
C VAL B 166 -18.51 -45.24 -2.75
N THR B 167 -19.57 -44.46 -2.81
CA THR B 167 -19.74 -43.33 -1.91
C THR B 167 -20.96 -43.58 -1.02
N VAL B 168 -20.89 -43.08 0.20
CA VAL B 168 -21.97 -43.23 1.16
C VAL B 168 -22.24 -41.84 1.72
N SER B 169 -23.50 -41.44 1.70
CA SER B 169 -23.93 -40.26 2.42
C SER B 169 -25.03 -40.70 3.36
N TRP B 170 -25.40 -39.82 4.29
CA TRP B 170 -26.47 -40.14 5.23
C TRP B 170 -27.52 -39.04 5.13
N ASN B 171 -28.79 -39.46 5.05
CA ASN B 171 -29.92 -38.55 4.92
C ASN B 171 -29.65 -37.52 3.83
N SER B 172 -29.18 -38.01 2.68
CA SER B 172 -28.92 -37.19 1.49
C SER B 172 -27.94 -36.05 1.76
N GLY B 173 -27.00 -36.23 2.68
CA GLY B 173 -26.02 -35.20 2.98
C GLY B 173 -26.38 -34.31 4.14
N ALA B 174 -27.60 -34.42 4.68
CA ALA B 174 -27.99 -33.61 5.84
C ALA B 174 -27.26 -34.02 7.12
N LEU B 175 -26.81 -35.28 7.22
CA LEU B 175 -26.14 -35.76 8.42
C LEU B 175 -24.67 -36.04 8.07
N THR B 176 -23.75 -35.27 8.66
CA THR B 176 -22.34 -35.47 8.37
C THR B 176 -21.56 -35.62 9.67
N SER B 177 -22.05 -35.02 10.74
CA SER B 177 -21.33 -35.07 12.01
C SER B 177 -21.36 -36.48 12.58
N GLY B 178 -20.21 -36.98 13.04
CA GLY B 178 -20.15 -38.32 13.59
C GLY B 178 -20.09 -39.45 12.56
N VAL B 179 -20.04 -39.15 11.27
CA VAL B 179 -20.02 -40.19 10.25
C VAL B 179 -18.58 -40.69 10.08
N HIS B 180 -18.41 -42.02 10.03
CA HIS B 180 -17.14 -42.62 9.63
C HIS B 180 -17.41 -43.64 8.52
N THR B 181 -16.91 -43.36 7.33
CA THR B 181 -16.98 -44.31 6.23
C THR B 181 -15.59 -44.91 6.06
N PHE B 182 -15.48 -46.21 6.28
CA PHE B 182 -14.17 -46.82 6.40
C PHE B 182 -13.57 -47.10 5.02
N PRO B 183 -12.24 -47.15 4.95
CA PRO B 183 -11.59 -47.60 3.71
C PRO B 183 -12.10 -48.98 3.38
N ALA B 184 -12.30 -49.23 2.09
CA ALA B 184 -12.74 -50.55 1.67
C ALA B 184 -11.65 -51.58 1.97
N VAL B 185 -12.07 -52.80 2.24
CA VAL B 185 -11.15 -53.93 2.36
C VAL B 185 -11.35 -54.82 1.15
N LEU B 186 -10.27 -55.38 0.64
CA LEU B 186 -10.34 -56.35 -0.45
C LEU B 186 -10.47 -57.75 0.16
N GLN B 187 -11.59 -58.42 -0.09
CA GLN B 187 -11.82 -59.74 0.43
C GLN B 187 -11.11 -60.81 -0.42
N SER B 188 -11.08 -62.05 0.14
CA SER B 188 -10.48 -63.21 -0.52
C SER B 188 -11.09 -63.45 -1.88
N SER B 189 -12.40 -63.20 -2.02
CA SER B 189 -13.11 -63.31 -3.29
C SER B 189 -12.60 -62.35 -4.38
N GLY B 190 -11.76 -61.36 -4.05
CA GLY B 190 -11.43 -60.31 -5.01
C GLY B 190 -12.43 -59.16 -5.08
N LEU B 191 -13.45 -59.18 -4.23
CA LEU B 191 -14.47 -58.14 -4.18
C LEU B 191 -14.24 -57.25 -2.97
N TYR B 192 -14.65 -55.99 -3.07
CA TYR B 192 -14.41 -55.07 -1.99
C TYR B 192 -15.62 -55.07 -1.04
N SER B 193 -15.39 -54.60 0.17
CA SER B 193 -16.52 -54.32 1.02
C SER B 193 -16.13 -53.17 1.96
N LEU B 194 -17.12 -52.37 2.36
CA LEU B 194 -16.84 -51.36 3.36
C LEU B 194 -18.07 -51.18 4.24
N SER B 195 -17.86 -50.49 5.38
CA SER B 195 -18.96 -50.05 6.21
C SER B 195 -18.87 -48.55 6.39
N SER B 196 -20.02 -47.93 6.58
CA SER B 196 -20.13 -46.55 7.00
C SER B 196 -20.97 -46.55 8.28
N VAL B 197 -20.50 -45.86 9.31
CA VAL B 197 -21.22 -45.83 10.55
C VAL B 197 -21.41 -44.37 10.95
N VAL B 198 -22.35 -44.14 11.85
CA VAL B 198 -22.56 -42.82 12.41
C VAL B 198 -23.00 -43.01 13.85
N THR B 199 -22.56 -42.12 14.73
CA THR B 199 -23.06 -42.13 16.08
C THR B 199 -24.03 -40.96 16.22
N VAL B 200 -25.14 -41.22 16.90
CA VAL B 200 -26.20 -40.23 17.05
C VAL B 200 -26.71 -40.32 18.49
N PRO B 201 -27.44 -39.30 18.96
CA PRO B 201 -28.10 -39.42 20.27
C PRO B 201 -29.09 -40.57 20.30
N SER B 202 -29.00 -41.40 21.35
CA SER B 202 -29.91 -42.54 21.43
C SER B 202 -31.36 -42.08 21.52
N SER B 203 -31.57 -40.89 22.07
CA SER B 203 -32.90 -40.31 22.20
C SER B 203 -33.52 -39.95 20.85
N SER B 204 -32.72 -39.87 19.77
CA SER B 204 -33.23 -39.63 18.43
C SER B 204 -33.72 -40.90 17.74
N LEU B 205 -33.45 -42.09 18.28
CA LEU B 205 -33.73 -43.30 17.51
C LEU B 205 -35.22 -43.49 17.27
N GLY B 206 -36.05 -43.05 18.20
CA GLY B 206 -37.48 -43.19 17.96
C GLY B 206 -38.13 -42.03 17.22
N THR B 207 -37.34 -41.09 16.71
CA THR B 207 -37.90 -39.91 16.07
C THR B 207 -37.26 -39.55 14.75
N GLN B 208 -35.93 -39.54 14.65
CA GLN B 208 -35.25 -39.20 13.41
C GLN B 208 -35.14 -40.45 12.55
N THR B 209 -35.37 -40.30 11.25
CA THR B 209 -35.07 -41.38 10.33
C THR B 209 -33.60 -41.30 9.90
N TYR B 210 -33.00 -42.46 9.68
CA TYR B 210 -31.60 -42.57 9.26
C TYR B 210 -31.54 -43.45 8.03
N ILE B 211 -31.04 -42.89 6.93
CA ILE B 211 -30.99 -43.55 5.63
C ILE B 211 -29.59 -43.37 5.04
N CYS B 212 -28.93 -44.47 4.66
CA CYS B 212 -27.64 -44.34 4.02
C CYS B 212 -27.85 -44.41 2.52
N ASN B 213 -27.20 -43.50 1.80
CA ASN B 213 -27.33 -43.39 0.35
C ASN B 213 -26.03 -43.90 -0.27
N VAL B 214 -26.10 -45.06 -0.90
CA VAL B 214 -24.92 -45.75 -1.44
C VAL B 214 -24.94 -45.58 -2.96
N ASN B 215 -23.81 -45.20 -3.54
CA ASN B 215 -23.72 -45.11 -4.99
C ASN B 215 -22.48 -45.85 -5.45
N HIS B 216 -22.62 -46.71 -6.45
CA HIS B 216 -21.51 -47.43 -7.06
C HIS B 216 -21.68 -47.15 -8.55
N LYS B 217 -21.00 -46.10 -9.03
CA LYS B 217 -21.30 -45.65 -10.38
C LYS B 217 -20.88 -46.67 -11.44
N PRO B 218 -19.78 -47.43 -11.26
CA PRO B 218 -19.43 -48.41 -12.30
C PRO B 218 -20.55 -49.39 -12.61
N SER B 219 -21.37 -49.75 -11.62
CA SER B 219 -22.47 -50.68 -11.88
C SER B 219 -23.82 -49.99 -11.96
N ASN B 220 -23.83 -48.66 -11.98
CA ASN B 220 -25.07 -47.88 -11.95
C ASN B 220 -25.97 -48.30 -10.79
N THR B 221 -25.36 -48.57 -9.65
CA THR B 221 -26.09 -48.94 -8.43
C THR B 221 -26.28 -47.70 -7.57
N LYS B 222 -27.53 -47.33 -7.32
CA LYS B 222 -27.91 -46.32 -6.33
C LYS B 222 -28.90 -46.96 -5.36
N VAL B 223 -28.57 -46.96 -4.07
CA VAL B 223 -29.41 -47.62 -3.06
C VAL B 223 -29.61 -46.66 -1.89
N ASP B 224 -30.83 -46.58 -1.38
CA ASP B 224 -31.11 -45.80 -0.16
C ASP B 224 -31.63 -46.79 0.86
N LYS B 225 -30.85 -47.06 1.91
CA LYS B 225 -31.20 -48.10 2.86
C LYS B 225 -31.61 -47.46 4.17
N ARG B 226 -32.84 -47.71 4.59
CA ARG B 226 -33.34 -47.26 5.89
C ARG B 226 -32.75 -48.13 7.00
N VAL B 227 -32.19 -47.50 8.03
CA VAL B 227 -31.53 -48.23 9.11
C VAL B 227 -32.32 -47.97 10.39
N GLU B 228 -32.99 -48.99 10.91
CA GLU B 228 -33.85 -48.85 12.07
C GLU B 228 -33.42 -49.78 13.20
N PRO B 229 -33.77 -49.46 14.45
CA PRO B 229 -33.58 -50.45 15.51
C PRO B 229 -34.36 -51.73 15.19
N LYS B 230 -33.71 -52.87 15.43
CA LYS B 230 -34.35 -54.15 15.14
C LYS B 230 -35.55 -54.35 16.07
N SER B 231 -36.63 -54.90 15.52
CA SER B 231 -37.85 -55.15 16.29
C SER B 231 -38.29 -56.59 16.04
N ASP C 1 14.64 -33.86 -16.30
CA ASP C 1 13.50 -33.35 -15.53
C ASP C 1 13.97 -32.89 -14.16
N ILE C 2 13.17 -32.09 -13.48
CA ILE C 2 13.55 -31.55 -12.19
C ILE C 2 13.00 -32.47 -11.11
N GLN C 3 13.89 -33.00 -10.28
CA GLN C 3 13.44 -33.84 -9.17
C GLN C 3 13.33 -32.99 -7.92
N LEU C 4 12.25 -33.20 -7.18
CA LEU C 4 11.97 -32.53 -5.92
C LEU C 4 12.06 -33.60 -4.83
N THR C 5 12.99 -33.41 -3.89
CA THR C 5 13.16 -34.31 -2.75
C THR C 5 12.49 -33.63 -1.56
N GLN C 6 11.39 -34.20 -1.10
CA GLN C 6 10.61 -33.64 0.00
C GLN C 6 10.90 -34.39 1.29
N SER C 7 11.11 -33.67 2.38
CA SER C 7 11.39 -34.31 3.66
C SER C 7 10.59 -33.62 4.77
N PRO C 8 10.26 -34.34 5.84
CA PRO C 8 10.48 -35.78 6.06
C PRO C 8 9.40 -36.55 5.31
N SER C 9 9.42 -37.88 5.42
CA SER C 9 8.32 -38.65 4.83
C SER C 9 7.04 -38.55 5.67
N SER C 10 7.16 -38.57 7.01
CA SER C 10 6.01 -38.24 7.83
C SER C 10 6.52 -37.68 9.15
N LEU C 11 5.62 -37.02 9.87
CA LEU C 11 5.97 -36.52 11.19
C LEU C 11 4.73 -36.44 12.06
N SER C 12 4.96 -36.47 13.36
CA SER C 12 3.89 -36.42 14.33
C SER C 12 4.18 -35.25 15.27
N ALA C 13 3.22 -34.35 15.42
CA ALA C 13 3.45 -33.21 16.31
C ALA C 13 2.16 -32.90 17.06
N SER C 14 2.29 -32.14 18.15
CA SER C 14 1.17 -31.75 18.99
C SER C 14 0.49 -30.47 18.48
N VAL C 15 -0.80 -30.36 18.79
CA VAL C 15 -1.53 -29.15 18.48
C VAL C 15 -0.81 -27.98 19.12
N GLY C 16 -0.65 -26.90 18.36
CA GLY C 16 0.09 -25.74 18.80
C GLY C 16 1.56 -25.73 18.50
N ASP C 17 2.15 -26.86 18.03
CA ASP C 17 3.57 -26.94 17.72
C ASP C 17 3.86 -26.32 16.36
N ARG C 18 5.11 -25.96 16.17
CA ARG C 18 5.60 -25.49 14.87
C ARG C 18 5.98 -26.70 14.01
N VAL C 19 5.50 -26.74 12.76
CA VAL C 19 5.77 -27.84 11.85
C VAL C 19 6.62 -27.30 10.71
N THR C 20 7.70 -28.03 10.37
CA THR C 20 8.61 -27.61 9.31
C THR C 20 8.83 -28.75 8.31
N ILE C 21 8.57 -28.45 7.04
CA ILE C 21 8.70 -29.42 5.95
C ILE C 21 9.57 -28.77 4.87
N THR C 22 10.35 -29.58 4.16
CA THR C 22 11.31 -29.02 3.21
C THR C 22 11.22 -29.73 1.87
N CYS C 23 11.69 -29.02 0.85
CA CYS C 23 11.67 -29.48 -0.53
C CYS C 23 12.97 -28.99 -1.16
N GLN C 24 13.77 -29.91 -1.69
CA GLN C 24 14.99 -29.55 -2.38
C GLN C 24 14.87 -29.89 -3.87
N ALA C 25 15.12 -28.91 -4.72
CA ALA C 25 15.09 -29.12 -6.16
C ALA C 25 16.45 -29.59 -6.67
N SER C 26 16.44 -30.44 -7.69
CA SER C 26 17.71 -30.90 -8.23
C SER C 26 18.42 -29.83 -9.07
N GLN C 27 17.74 -28.75 -9.44
CA GLN C 27 18.36 -27.60 -10.11
C GLN C 27 17.70 -26.34 -9.62
N ASP C 28 18.30 -25.20 -9.95
CA ASP C 28 17.75 -23.89 -9.60
C ASP C 28 16.39 -23.72 -10.27
N ILE C 29 15.35 -23.47 -9.47
CA ILE C 29 14.01 -23.25 -10.02
C ILE C 29 13.46 -21.88 -9.64
N SER C 30 14.37 -20.95 -9.28
CA SER C 30 14.00 -19.58 -8.86
C SER C 30 12.95 -19.70 -7.77
N ASN C 31 11.80 -19.04 -7.84
CA ASN C 31 10.80 -19.20 -6.79
C ASN C 31 9.56 -19.93 -7.27
N TYR C 32 9.66 -20.69 -8.37
CA TYR C 32 8.49 -21.30 -9.01
C TYR C 32 8.15 -22.63 -8.34
N LEU C 33 7.70 -22.52 -7.09
CA LEU C 33 7.51 -23.68 -6.24
C LEU C 33 6.24 -23.46 -5.41
N ASN C 34 5.31 -24.41 -5.49
CA ASN C 34 4.00 -24.34 -4.86
C ASN C 34 3.87 -25.43 -3.82
N TRP C 35 2.96 -25.24 -2.85
CA TRP C 35 2.70 -26.23 -1.81
C TRP C 35 1.21 -26.53 -1.75
N TYR C 36 0.84 -27.83 -1.76
CA TYR C 36 -0.53 -28.29 -1.68
C TYR C 36 -0.76 -29.12 -0.42
N GLN C 37 -2.00 -29.08 0.05
CA GLN C 37 -2.46 -29.89 1.18
C GLN C 37 -3.51 -30.86 0.64
N GLN C 38 -3.30 -32.15 0.87
CA GLN C 38 -4.27 -33.14 0.39
C GLN C 38 -4.83 -33.87 1.60
N ARG C 39 -6.06 -33.61 1.90
CA ARG C 39 -6.75 -34.34 2.96
C ARG C 39 -7.24 -35.69 2.43
N PRO C 40 -7.44 -36.64 3.34
CA PRO C 40 -7.77 -38.02 2.92
C PRO C 40 -9.01 -38.06 2.04
N GLY C 41 -8.88 -38.70 0.88
CA GLY C 41 -9.97 -38.80 -0.07
C GLY C 41 -10.36 -37.52 -0.80
N LYS C 42 -9.60 -36.43 -0.65
CA LYS C 42 -9.87 -35.19 -1.38
C LYS C 42 -8.79 -34.91 -2.43
N ALA C 43 -9.12 -34.01 -3.37
CA ALA C 43 -8.12 -33.45 -4.27
C ALA C 43 -7.13 -32.59 -3.48
N PRO C 44 -5.89 -32.42 -3.99
CA PRO C 44 -4.99 -31.48 -3.33
C PRO C 44 -5.59 -30.08 -3.34
N LYS C 45 -5.20 -29.29 -2.35
CA LYS C 45 -5.65 -27.91 -2.20
C LYS C 45 -4.44 -26.99 -2.18
N LEU C 46 -4.42 -25.98 -3.03
CA LEU C 46 -3.27 -25.06 -3.07
C LEU C 46 -3.23 -24.16 -1.84
N LEU C 47 -2.11 -24.13 -1.15
CA LEU C 47 -1.94 -23.24 0.00
C LEU C 47 -0.94 -22.12 -0.24
N ILE C 48 0.19 -22.43 -0.87
CA ILE C 48 1.28 -21.46 -1.10
C ILE C 48 1.66 -21.53 -2.56
N TYR C 49 1.81 -20.38 -3.21
CA TYR C 49 2.34 -20.42 -4.57
C TYR C 49 3.52 -19.48 -4.69
N ASP C 50 4.36 -19.79 -5.68
CA ASP C 50 5.60 -19.06 -5.94
C ASP C 50 6.40 -18.87 -4.66
N ALA C 51 6.63 -20.01 -3.97
CA ALA C 51 7.49 -20.17 -2.81
C ALA C 51 6.90 -19.58 -1.52
N SER C 52 6.29 -18.38 -1.57
CA SER C 52 5.95 -17.70 -0.32
C SER C 52 4.60 -17.00 -0.30
N ASN C 53 3.78 -17.11 -1.33
CA ASN C 53 2.53 -16.36 -1.39
C ASN C 53 1.37 -17.23 -0.94
N LEU C 54 0.57 -16.73 0.01
CA LEU C 54 -0.60 -17.46 0.47
C LEU C 54 -1.73 -17.33 -0.53
N GLU C 55 -2.39 -18.44 -0.81
CA GLU C 55 -3.63 -18.38 -1.58
C GLU C 55 -4.75 -17.77 -0.71
N THR C 56 -5.79 -17.26 -1.38
CA THR C 56 -6.95 -16.66 -0.72
C THR C 56 -7.55 -17.56 0.33
N GLY C 57 -7.82 -16.99 1.50
CA GLY C 57 -8.50 -17.70 2.56
C GLY C 57 -7.61 -18.62 3.38
N VAL C 58 -6.35 -18.79 2.99
CA VAL C 58 -5.48 -19.70 3.73
C VAL C 58 -5.11 -19.06 5.07
N PRO C 59 -5.18 -19.78 6.18
CA PRO C 59 -4.87 -19.17 7.49
C PRO C 59 -3.43 -18.69 7.57
N SER C 60 -3.21 -17.64 8.36
CA SER C 60 -1.90 -17.00 8.39
C SER C 60 -0.85 -17.83 9.14
N ARG C 61 -1.24 -18.91 9.82
CA ARG C 61 -0.26 -19.82 10.38
C ARG C 61 0.55 -20.55 9.32
N PHE C 62 0.13 -20.56 8.04
CA PHE C 62 0.90 -21.20 6.97
C PHE C 62 1.82 -20.19 6.33
N SER C 63 3.03 -20.66 5.98
CA SER C 63 3.97 -19.82 5.23
C SER C 63 4.92 -20.72 4.44
N GLY C 64 5.57 -20.12 3.46
CA GLY C 64 6.62 -20.81 2.71
C GLY C 64 7.75 -19.82 2.48
N SER C 65 8.96 -20.38 2.29
CA SER C 65 10.12 -19.56 1.97
C SER C 65 11.12 -20.34 1.12
N GLY C 66 12.09 -19.61 0.59
CA GLY C 66 13.15 -20.26 -0.16
C GLY C 66 13.20 -19.73 -1.58
N SER C 67 14.33 -19.94 -2.22
CA SER C 67 14.52 -19.54 -3.60
C SER C 67 15.73 -20.25 -4.14
N GLY C 68 15.63 -20.77 -5.35
CA GLY C 68 16.73 -21.51 -5.93
C GLY C 68 16.54 -23.01 -5.80
N THR C 69 17.17 -23.66 -4.80
CA THR C 69 16.92 -25.09 -4.65
C THR C 69 16.30 -25.50 -3.33
N ASP C 70 16.41 -24.71 -2.27
CA ASP C 70 16.00 -25.17 -0.94
C ASP C 70 14.77 -24.41 -0.50
N PHE C 71 13.64 -25.13 -0.34
CA PHE C 71 12.39 -24.50 0.06
C PHE C 71 11.87 -25.07 1.37
N THR C 72 11.14 -24.23 2.10
CA THR C 72 10.56 -24.58 3.39
C THR C 72 9.09 -24.21 3.43
N PHE C 73 8.30 -25.09 4.02
CA PHE C 73 6.89 -24.85 4.29
C PHE C 73 6.70 -24.98 5.81
N THR C 74 6.03 -24.01 6.42
CA THR C 74 5.89 -23.97 7.86
C THR C 74 4.45 -23.80 8.30
N ILE C 75 4.06 -24.54 9.33
CA ILE C 75 2.84 -24.25 10.07
C ILE C 75 3.28 -23.73 11.43
N SER C 76 2.98 -22.45 11.71
CA SER C 76 3.50 -21.87 12.97
C SER C 76 2.86 -22.49 14.21
N SER C 77 1.60 -22.94 14.11
CA SER C 77 0.89 -23.47 15.27
C SER C 77 -0.07 -24.53 14.75
N LEU C 78 0.31 -25.81 14.86
CA LEU C 78 -0.45 -26.88 14.22
C LEU C 78 -1.87 -26.96 14.80
N GLN C 79 -2.88 -27.09 13.92
CA GLN C 79 -4.27 -27.19 14.33
C GLN C 79 -4.83 -28.55 13.90
N PRO C 80 -5.89 -29.05 14.57
CA PRO C 80 -6.38 -30.40 14.23
C PRO C 80 -6.74 -30.58 12.78
N GLU C 81 -7.29 -29.54 12.14
CA GLU C 81 -7.72 -29.64 10.74
C GLU C 81 -6.55 -29.71 9.76
N ASP C 82 -5.30 -29.54 10.21
CA ASP C 82 -4.14 -29.54 9.30
C ASP C 82 -3.63 -30.93 8.97
N ILE C 83 -4.22 -31.95 9.57
CA ILE C 83 -3.85 -33.32 9.24
C ILE C 83 -4.07 -33.57 7.73
N ALA C 84 -3.01 -34.04 7.05
CA ALA C 84 -3.04 -34.18 5.59
C ALA C 84 -1.69 -34.67 5.12
N THR C 85 -1.57 -34.94 3.82
CA THR C 85 -0.28 -35.10 3.17
C THR C 85 -0.01 -33.84 2.36
N TYR C 86 1.19 -33.27 2.51
CA TYR C 86 1.59 -32.04 1.84
C TYR C 86 2.53 -32.34 0.67
N TYR C 87 2.34 -31.61 -0.43
CA TYR C 87 3.17 -31.81 -1.61
C TYR C 87 3.72 -30.49 -2.11
N CYS C 88 4.98 -30.49 -2.52
CA CYS C 88 5.55 -29.37 -3.27
C CYS C 88 5.47 -29.67 -4.76
N GLN C 89 5.59 -28.63 -5.59
CA GLN C 89 5.43 -28.80 -7.04
C GLN C 89 6.15 -27.65 -7.71
N GLN C 90 6.98 -27.95 -8.72
CA GLN C 90 7.72 -26.89 -9.41
C GLN C 90 7.12 -26.65 -10.78
N TYR C 91 7.27 -25.42 -11.26
CA TYR C 91 6.89 -25.15 -12.64
C TYR C 91 7.91 -24.24 -13.32
N ASP C 92 9.15 -24.26 -12.83
CA ASP C 92 10.24 -23.59 -13.54
C ASP C 92 10.37 -24.11 -14.96
N ASN C 93 10.30 -25.43 -15.15
CA ASN C 93 10.45 -26.05 -16.47
C ASN C 93 9.65 -27.34 -16.55
N PRO C 94 8.99 -27.60 -17.67
CA PRO C 94 8.21 -28.85 -17.80
C PRO C 94 9.14 -30.04 -18.01
N PRO C 95 8.72 -31.26 -17.65
CA PRO C 95 7.38 -31.55 -17.10
C PRO C 95 7.27 -30.98 -15.68
N LEU C 96 6.10 -30.45 -15.34
CA LEU C 96 5.85 -30.10 -13.95
C LEU C 96 6.05 -31.35 -13.12
N THR C 97 6.68 -31.19 -11.96
CA THR C 97 6.93 -32.35 -11.12
C THR C 97 6.54 -31.99 -9.70
N PHE C 98 6.30 -33.03 -8.91
CA PHE C 98 5.88 -32.91 -7.52
C PHE C 98 6.90 -33.63 -6.64
N GLY C 99 7.05 -33.15 -5.40
CA GLY C 99 7.77 -33.92 -4.40
C GLY C 99 6.94 -35.16 -3.99
N GLY C 100 7.60 -36.05 -3.21
CA GLY C 100 7.01 -37.35 -2.86
C GLY C 100 5.94 -37.28 -1.78
N GLY C 101 5.78 -36.15 -1.12
CA GLY C 101 4.72 -35.99 -0.15
C GLY C 101 5.25 -36.12 1.27
N THR C 102 4.60 -35.40 2.20
CA THR C 102 4.92 -35.48 3.63
C THR C 102 3.61 -35.63 4.39
N LYS C 103 3.46 -36.73 5.11
CA LYS C 103 2.23 -37.02 5.85
C LYS C 103 2.36 -36.45 7.26
N LEU C 104 1.43 -35.59 7.64
CA LEU C 104 1.47 -34.86 8.90
C LEU C 104 0.42 -35.48 9.81
N GLU C 105 0.84 -35.96 10.99
CA GLU C 105 -0.04 -36.63 11.96
C GLU C 105 -0.01 -35.86 13.26
N ILE C 106 -1.08 -35.96 14.06
CA ILE C 106 -1.19 -35.20 15.30
C ILE C 106 -1.02 -36.15 16.47
N LYS C 107 -0.12 -35.80 17.38
CA LYS C 107 -0.04 -36.44 18.68
C LYS C 107 -1.02 -35.77 19.64
N ARG C 108 -1.89 -36.56 20.28
CA ARG C 108 -2.85 -36.01 21.25
C ARG C 108 -2.92 -36.98 22.44
N THR C 109 -3.83 -36.71 23.38
CA THR C 109 -3.88 -37.53 24.56
C THR C 109 -4.53 -38.89 24.26
N VAL C 110 -4.25 -39.88 25.10
CA VAL C 110 -4.89 -41.19 24.96
C VAL C 110 -6.39 -41.04 25.05
N ALA C 111 -7.12 -41.68 24.14
CA ALA C 111 -8.59 -41.75 24.20
C ALA C 111 -8.99 -43.22 23.99
N ALA C 112 -9.72 -43.81 24.95
CA ALA C 112 -10.17 -45.19 24.77
C ALA C 112 -11.27 -45.29 23.70
N PRO C 113 -11.37 -46.41 23.01
CA PRO C 113 -12.47 -46.59 22.05
C PRO C 113 -13.79 -46.85 22.75
N SER C 114 -14.86 -46.37 22.13
CA SER C 114 -16.22 -46.84 22.41
C SER C 114 -16.52 -48.01 21.48
N VAL C 115 -17.03 -49.11 22.03
CA VAL C 115 -17.11 -50.34 21.26
C VAL C 115 -18.58 -50.67 21.04
N PHE C 116 -18.91 -51.05 19.80
CA PHE C 116 -20.27 -51.45 19.43
C PHE C 116 -20.19 -52.73 18.61
N ILE C 117 -21.15 -53.63 18.78
CA ILE C 117 -21.20 -54.83 17.97
C ILE C 117 -22.55 -54.93 17.26
N PHE C 118 -22.53 -55.41 16.02
CA PHE C 118 -23.69 -55.46 15.14
C PHE C 118 -23.93 -56.89 14.66
N PRO C 119 -25.07 -57.50 14.92
CA PRO C 119 -25.35 -58.84 14.35
C PRO C 119 -25.52 -58.76 12.84
N PRO C 120 -25.48 -59.88 12.14
CA PRO C 120 -25.85 -59.90 10.72
C PRO C 120 -27.30 -59.49 10.56
N SER C 121 -27.61 -58.85 9.44
CA SER C 121 -29.00 -58.48 9.19
C SER C 121 -29.79 -59.68 8.69
N ASP C 122 -31.11 -59.65 8.90
CA ASP C 122 -31.94 -60.74 8.39
C ASP C 122 -31.88 -60.79 6.86
N GLU C 123 -31.80 -59.63 6.22
CA GLU C 123 -31.69 -59.59 4.76
C GLU C 123 -30.45 -60.34 4.28
N GLN C 124 -29.30 -60.13 4.93
CA GLN C 124 -28.11 -60.86 4.51
C GLN C 124 -28.24 -62.37 4.75
N LEU C 125 -28.88 -62.78 5.85
CA LEU C 125 -28.90 -64.22 6.14
C LEU C 125 -29.54 -65.01 5.01
N LYS C 126 -30.60 -64.49 4.40
CA LYS C 126 -31.18 -65.05 3.17
C LYS C 126 -30.14 -65.52 2.16
N SER C 127 -28.95 -64.91 2.18
CA SER C 127 -27.91 -65.10 1.17
C SER C 127 -26.94 -66.24 1.48
N GLY C 128 -26.94 -66.78 2.70
CA GLY C 128 -25.99 -67.83 3.02
C GLY C 128 -24.69 -67.37 3.64
N THR C 129 -24.47 -66.05 3.75
CA THR C 129 -23.31 -65.49 4.43
C THR C 129 -23.81 -64.61 5.56
N ALA C 130 -23.05 -64.60 6.67
CA ALA C 130 -23.33 -63.76 7.83
C ALA C 130 -22.09 -62.92 8.11
N SER C 131 -22.27 -61.59 8.13
CA SER C 131 -21.24 -60.65 8.55
C SER C 131 -21.58 -60.07 9.93
N VAL C 132 -20.65 -60.17 10.87
CA VAL C 132 -20.76 -59.58 12.19
C VAL C 132 -19.72 -58.48 12.26
N VAL C 133 -20.14 -57.30 12.70
CA VAL C 133 -19.28 -56.13 12.65
C VAL C 133 -19.05 -55.61 14.06
N CYS C 134 -17.79 -55.27 14.35
CA CYS C 134 -17.41 -54.66 15.62
C CYS C 134 -16.81 -53.30 15.29
N LEU C 135 -17.30 -52.24 15.93
CA LEU C 135 -16.84 -50.88 15.70
C LEU C 135 -16.09 -50.38 16.93
N LEU C 136 -14.88 -49.86 16.72
CA LEU C 136 -14.11 -49.21 17.79
C LEU C 136 -14.08 -47.75 17.41
N ASN C 137 -14.74 -46.89 18.17
CA ASN C 137 -14.94 -45.51 17.70
C ASN C 137 -14.10 -44.51 18.48
N ASN C 138 -13.42 -43.61 17.75
CA ASN C 138 -12.80 -42.40 18.28
C ASN C 138 -11.78 -42.70 19.38
N PHE C 139 -10.72 -43.40 18.98
CA PHE C 139 -9.67 -43.72 19.95
C PHE C 139 -8.32 -43.16 19.50
N TYR C 140 -7.38 -43.13 20.44
CA TYR C 140 -6.01 -42.67 20.21
C TYR C 140 -5.13 -43.31 21.28
N PRO C 141 -3.94 -43.88 20.94
CA PRO C 141 -3.30 -43.92 19.62
C PRO C 141 -3.90 -44.99 18.69
N ARG C 142 -3.30 -45.15 17.50
CA ARG C 142 -3.89 -45.97 16.45
C ARG C 142 -3.90 -47.46 16.79
N GLU C 143 -2.93 -47.91 17.57
CA GLU C 143 -2.81 -49.34 17.89
C GLU C 143 -3.98 -49.84 18.73
N ALA C 144 -4.66 -50.87 18.24
CA ALA C 144 -5.74 -51.54 18.98
C ALA C 144 -5.75 -53.00 18.55
N LYS C 145 -6.28 -53.86 19.42
CA LYS C 145 -6.42 -55.27 19.12
C LYS C 145 -7.87 -55.69 19.29
N VAL C 146 -8.40 -56.40 18.29
CA VAL C 146 -9.76 -56.92 18.29
C VAL C 146 -9.65 -58.43 18.21
N GLN C 147 -10.33 -59.11 19.11
CA GLN C 147 -10.40 -60.56 19.12
C GLN C 147 -11.85 -61.00 19.05
N TRP C 148 -12.18 -61.84 18.07
CA TRP C 148 -13.53 -62.34 17.93
C TRP C 148 -13.64 -63.67 18.68
N LYS C 149 -14.77 -63.87 19.37
CA LYS C 149 -15.07 -65.15 20.01
C LYS C 149 -16.46 -65.61 19.60
N VAL C 150 -16.58 -66.89 19.25
CA VAL C 150 -17.88 -67.51 18.93
C VAL C 150 -18.06 -68.68 19.91
N ASP C 151 -19.09 -68.60 20.76
CA ASP C 151 -19.29 -69.57 21.85
C ASP C 151 -17.98 -69.76 22.63
N ASN C 152 -17.31 -68.64 22.89
CA ASN C 152 -16.06 -68.50 23.61
C ASN C 152 -14.84 -69.07 22.89
N ALA C 153 -14.95 -69.59 21.66
CA ALA C 153 -13.77 -70.03 20.92
C ALA C 153 -13.16 -68.86 20.14
N LEU C 154 -11.86 -68.65 20.31
CA LEU C 154 -11.21 -67.53 19.63
C LEU C 154 -11.15 -67.81 18.13
N GLN C 155 -11.44 -66.79 17.33
CA GLN C 155 -11.49 -66.94 15.89
C GLN C 155 -10.19 -66.43 15.28
N SER C 156 -9.81 -67.02 14.15
CA SER C 156 -8.68 -66.48 13.39
C SER C 156 -8.86 -66.85 11.93
N GLY C 157 -8.42 -65.95 11.07
CA GLY C 157 -8.46 -66.16 9.64
C GLY C 157 -9.76 -65.80 8.95
N ASN C 158 -10.80 -65.44 9.71
CA ASN C 158 -12.11 -65.13 9.12
C ASN C 158 -12.54 -63.70 9.43
N SER C 159 -11.58 -62.80 9.66
CA SER C 159 -11.93 -61.41 9.93
C SER C 159 -11.01 -60.46 9.19
N GLN C 160 -11.54 -59.28 8.89
CA GLN C 160 -10.75 -58.21 8.32
C GLN C 160 -11.08 -56.92 9.02
N GLU C 161 -10.07 -56.05 9.11
CA GLU C 161 -10.11 -54.77 9.80
C GLU C 161 -9.89 -53.63 8.82
N SER C 162 -10.47 -52.48 9.13
CA SER C 162 -10.22 -51.25 8.39
C SER C 162 -10.11 -50.11 9.39
N VAL C 163 -9.20 -49.17 9.16
CA VAL C 163 -8.98 -48.07 10.12
C VAL C 163 -9.11 -46.76 9.37
N THR C 164 -9.83 -45.80 9.96
CA THR C 164 -9.94 -44.51 9.28
C THR C 164 -8.63 -43.74 9.41
N GLU C 165 -8.52 -42.68 8.62
CA GLU C 165 -7.46 -41.73 8.87
C GLU C 165 -7.82 -40.89 10.09
N GLN C 166 -6.81 -40.19 10.60
CA GLN C 166 -7.03 -39.33 11.74
C GLN C 166 -8.13 -38.31 11.45
N ASP C 167 -9.04 -38.16 12.41
CA ASP C 167 -10.18 -37.26 12.29
C ASP C 167 -9.73 -35.81 12.36
N SER C 168 -10.32 -34.98 11.49
CA SER C 168 -9.87 -33.61 11.34
C SER C 168 -10.34 -32.70 12.48
N LYS C 169 -11.23 -33.17 13.36
CA LYS C 169 -11.65 -32.36 14.48
C LYS C 169 -11.03 -32.80 15.81
N ASP C 170 -11.04 -34.10 16.14
CA ASP C 170 -10.51 -34.56 17.42
C ASP C 170 -9.26 -35.42 17.31
N SER C 171 -8.72 -35.62 16.10
CA SER C 171 -7.45 -36.31 15.92
C SER C 171 -7.49 -37.77 16.36
N THR C 172 -8.68 -38.37 16.44
CA THR C 172 -8.81 -39.77 16.82
C THR C 172 -8.94 -40.66 15.58
N TYR C 173 -8.86 -41.96 15.82
CA TYR C 173 -9.06 -42.99 14.81
C TYR C 173 -10.35 -43.75 15.10
N SER C 174 -10.87 -44.42 14.07
CA SER C 174 -11.91 -45.42 14.30
C SER C 174 -11.55 -46.66 13.49
N LEU C 175 -12.08 -47.80 13.93
CA LEU C 175 -11.69 -49.08 13.33
C LEU C 175 -12.93 -49.95 13.25
N SER C 176 -13.08 -50.69 12.15
CA SER C 176 -14.13 -51.69 12.05
C SER C 176 -13.48 -53.02 11.81
N SER C 177 -14.02 -54.05 12.44
CA SER C 177 -13.58 -55.42 12.23
C SER C 177 -14.80 -56.23 11.82
N THR C 178 -14.69 -57.00 10.74
CA THR C 178 -15.83 -57.73 10.22
C THR C 178 -15.52 -59.21 10.27
N LEU C 179 -16.34 -59.96 10.98
CA LEU C 179 -16.21 -61.42 11.05
C LEU C 179 -17.15 -62.03 10.02
N THR C 180 -16.62 -62.86 9.13
CA THR C 180 -17.45 -63.47 8.09
C THR C 180 -17.59 -64.97 8.32
N LEU C 181 -18.85 -65.43 8.40
CA LEU C 181 -19.19 -66.84 8.61
C LEU C 181 -20.25 -67.24 7.60
N SER C 182 -20.23 -68.52 7.21
CA SER C 182 -21.36 -69.06 6.48
C SER C 182 -22.61 -68.96 7.33
N LYS C 183 -23.77 -68.84 6.69
CA LYS C 183 -25.01 -68.83 7.46
C LYS C 183 -25.10 -70.06 8.35
N ALA C 184 -24.69 -71.23 7.82
CA ALA C 184 -24.81 -72.48 8.56
C ALA C 184 -23.99 -72.42 9.84
N ASP C 185 -22.72 -71.99 9.75
CA ASP C 185 -21.93 -71.88 10.97
C ASP C 185 -22.50 -70.81 11.90
N TYR C 186 -22.99 -69.70 11.35
CA TYR C 186 -23.57 -68.67 12.23
C TYR C 186 -24.74 -69.23 13.02
N GLU C 187 -25.59 -70.02 12.35
CA GLU C 187 -26.77 -70.55 13.01
C GLU C 187 -26.45 -71.68 14.01
N LYS C 188 -25.26 -72.28 13.92
CA LYS C 188 -24.85 -73.36 14.80
C LYS C 188 -24.37 -72.89 16.16
N HIS C 189 -24.12 -71.58 16.34
CA HIS C 189 -23.59 -71.05 17.59
C HIS C 189 -24.48 -69.92 18.10
N LYS C 190 -24.33 -69.63 19.39
CA LYS C 190 -25.22 -68.70 20.09
C LYS C 190 -24.57 -67.37 20.44
N VAL C 191 -23.38 -67.37 21.06
CA VAL C 191 -22.82 -66.15 21.68
C VAL C 191 -21.71 -65.60 20.79
N TYR C 192 -21.86 -64.35 20.36
CA TYR C 192 -20.91 -63.69 19.47
C TYR C 192 -20.31 -62.50 20.17
N ALA C 193 -18.98 -62.41 20.18
CA ALA C 193 -18.35 -61.42 21.05
C ALA C 193 -17.11 -60.84 20.38
N CYS C 194 -16.89 -59.54 20.57
CA CYS C 194 -15.63 -58.94 20.16
C CYS C 194 -14.98 -58.30 21.37
N GLU C 195 -13.72 -58.64 21.59
CA GLU C 195 -12.99 -58.24 22.78
C GLU C 195 -11.89 -57.30 22.36
N VAL C 196 -11.83 -56.13 23.00
CA VAL C 196 -11.01 -55.02 22.51
C VAL C 196 -9.97 -54.70 23.56
N THR C 197 -8.73 -54.56 23.12
CA THR C 197 -7.68 -54.09 24.02
C THR C 197 -7.09 -52.82 23.43
N HIS C 198 -6.78 -51.86 24.28
CA HIS C 198 -6.31 -50.57 23.83
C HIS C 198 -5.68 -49.86 25.01
N GLN C 199 -4.76 -48.94 24.70
CA GLN C 199 -4.00 -48.27 25.74
C GLN C 199 -4.89 -47.49 26.69
N GLY C 200 -6.05 -47.02 26.24
CA GLY C 200 -6.88 -46.31 27.20
C GLY C 200 -7.74 -47.19 28.10
N LEU C 201 -7.68 -48.50 27.94
CA LEU C 201 -8.49 -49.43 28.73
C LEU C 201 -7.57 -50.19 29.68
N SER C 202 -7.97 -50.23 30.97
CA SER C 202 -7.19 -50.99 31.94
C SER C 202 -7.48 -52.49 31.85
N SER C 203 -8.67 -52.87 31.39
CA SER C 203 -9.06 -54.25 31.17
C SER C 203 -9.63 -54.33 29.76
N PRO C 204 -9.57 -55.50 29.12
CA PRO C 204 -10.22 -55.64 27.80
C PRO C 204 -11.70 -55.35 27.91
N VAL C 205 -12.24 -54.70 26.88
CA VAL C 205 -13.67 -54.43 26.77
C VAL C 205 -14.27 -55.47 25.84
N THR C 206 -15.34 -56.17 26.29
CA THR C 206 -16.04 -57.12 25.43
C THR C 206 -17.48 -56.69 25.23
N LYS C 207 -17.92 -56.67 23.98
CA LYS C 207 -19.32 -56.49 23.62
C LYS C 207 -19.80 -57.76 22.94
N SER C 208 -21.01 -58.19 23.29
CA SER C 208 -21.49 -59.47 22.80
C SER C 208 -22.99 -59.40 22.57
N PHE C 209 -23.50 -60.37 21.81
CA PHE C 209 -24.93 -60.62 21.69
C PHE C 209 -25.15 -62.12 21.58
N ASN C 210 -26.39 -62.55 21.83
CA ASN C 210 -26.79 -63.93 21.59
C ASN C 210 -27.61 -63.96 20.32
N ARG C 211 -27.28 -64.87 19.42
CA ARG C 211 -28.07 -64.95 18.18
C ARG C 211 -29.55 -65.12 18.52
N GLY C 212 -30.39 -64.35 17.84
CA GLY C 212 -31.83 -64.53 17.93
C GLY C 212 -32.46 -64.11 19.24
N GLU C 213 -31.81 -63.27 20.02
CA GLU C 213 -32.38 -62.77 21.28
C GLU C 213 -32.44 -61.25 21.26
N GLU D 1 -5.29 33.39 -11.90
CA GLU D 1 -3.98 33.24 -11.28
C GLU D 1 -4.15 32.67 -9.87
N VAL D 2 -3.35 31.68 -9.51
CA VAL D 2 -3.36 31.21 -8.13
C VAL D 2 -2.79 32.29 -7.23
N GLN D 3 -3.46 32.54 -6.10
CA GLN D 3 -2.97 33.49 -5.11
C GLN D 3 -3.27 32.97 -3.71
N LEU D 4 -2.28 33.07 -2.81
CA LEU D 4 -2.48 32.81 -1.38
C LEU D 4 -2.26 34.10 -0.61
N VAL D 5 -3.22 34.48 0.20
CA VAL D 5 -3.19 35.75 0.93
C VAL D 5 -3.31 35.46 2.42
N GLN D 6 -2.29 35.85 3.17
CA GLN D 6 -2.20 35.56 4.60
C GLN D 6 -2.65 36.76 5.44
N SER D 7 -3.07 36.46 6.67
CA SER D 7 -3.43 37.52 7.59
C SER D 7 -2.19 38.32 8.03
N GLY D 8 -2.46 39.45 8.72
CA GLY D 8 -1.44 40.44 9.00
C GLY D 8 -0.57 40.07 10.18
N ALA D 9 0.55 40.78 10.29
CA ALA D 9 1.50 40.56 11.38
C ALA D 9 0.78 40.58 12.73
N GLU D 10 1.31 39.81 13.67
CA GLU D 10 0.71 39.69 15.00
C GLU D 10 1.78 39.86 16.05
N VAL D 11 1.39 40.43 17.19
CA VAL D 11 2.22 40.44 18.38
C VAL D 11 1.36 39.89 19.53
N LYS D 12 1.92 38.98 20.30
CA LYS D 12 1.21 38.29 21.37
C LYS D 12 2.15 38.14 22.56
N LYS D 13 1.58 38.11 23.75
CA LYS D 13 2.37 37.81 24.93
C LYS D 13 2.57 36.29 25.06
N PRO D 14 3.64 35.87 25.70
CA PRO D 14 3.80 34.43 25.99
C PRO D 14 2.57 33.86 26.70
N GLY D 15 2.22 32.63 26.34
CA GLY D 15 1.08 31.95 26.91
C GLY D 15 -0.24 32.25 26.24
N GLU D 16 -0.31 33.25 25.37
CA GLU D 16 -1.56 33.55 24.70
C GLU D 16 -1.78 32.58 23.55
N SER D 17 -3.03 32.48 23.11
CA SER D 17 -3.30 31.68 21.93
C SER D 17 -3.23 32.57 20.68
N LEU D 18 -3.14 31.92 19.52
CA LEU D 18 -3.07 32.68 18.27
C LEU D 18 -3.50 31.77 17.13
N LYS D 19 -4.32 32.31 16.22
CA LYS D 19 -4.72 31.61 15.00
C LYS D 19 -4.47 32.54 13.82
N ILE D 20 -3.60 32.12 12.89
CA ILE D 20 -3.36 32.89 11.66
C ILE D 20 -3.97 32.12 10.50
N SER D 21 -4.14 32.82 9.37
CA SER D 21 -4.93 32.25 8.30
C SER D 21 -4.31 32.57 6.95
N CYS D 22 -4.76 31.83 5.94
CA CYS D 22 -4.25 31.92 4.58
C CYS D 22 -5.38 31.57 3.63
N GLN D 23 -5.75 32.47 2.73
CA GLN D 23 -6.89 32.24 1.86
C GLN D 23 -6.39 31.99 0.44
N GLY D 24 -6.79 30.86 -0.13
CA GLY D 24 -6.43 30.53 -1.51
C GLY D 24 -7.49 31.04 -2.48
N SER D 25 -7.03 31.53 -3.61
CA SER D 25 -7.97 31.92 -4.65
C SER D 25 -7.40 31.49 -5.99
N GLY D 26 -8.30 31.35 -6.96
CA GLY D 26 -7.88 31.07 -8.32
C GLY D 26 -7.64 29.61 -8.62
N TYR D 27 -8.12 28.72 -7.76
CA TYR D 27 -8.01 27.29 -8.01
C TYR D 27 -9.02 26.58 -7.13
N SER D 28 -9.14 25.26 -7.34
CA SER D 28 -10.06 24.45 -6.55
C SER D 28 -9.39 24.12 -5.22
N PHE D 29 -9.80 24.83 -4.16
CA PHE D 29 -9.20 24.70 -2.83
C PHE D 29 -9.23 23.26 -2.31
N THR D 30 -10.28 22.49 -2.63
CA THR D 30 -10.35 21.11 -2.16
C THR D 30 -9.56 20.15 -3.01
N SER D 31 -8.80 20.63 -3.99
CA SER D 31 -8.09 19.72 -4.90
C SER D 31 -6.58 19.69 -4.65
N TYR D 32 -6.07 20.48 -3.70
CA TYR D 32 -4.63 20.57 -3.44
C TYR D 32 -4.35 20.56 -1.95
N TRP D 33 -3.30 19.82 -1.58
CA TRP D 33 -2.73 20.00 -0.26
C TRP D 33 -2.25 21.44 -0.08
N ILE D 34 -2.34 21.95 1.13
CA ILE D 34 -1.81 23.27 1.46
C ILE D 34 -1.25 23.18 2.87
N GLY D 35 -0.20 23.95 3.14
CA GLY D 35 0.40 23.86 4.45
C GLY D 35 1.20 25.06 4.85
N TRP D 36 2.03 24.85 5.88
CA TRP D 36 2.69 25.94 6.61
C TRP D 36 4.17 25.63 6.79
N VAL D 37 4.98 26.68 6.63
CA VAL D 37 6.42 26.64 6.71
C VAL D 37 6.83 27.72 7.69
N ARG D 38 7.75 27.40 8.60
CA ARG D 38 8.29 28.38 9.53
C ARG D 38 9.67 28.82 9.07
N GLN D 39 9.96 30.11 9.22
CA GLN D 39 11.32 30.60 8.97
C GLN D 39 11.70 31.49 10.14
N MET D 40 12.60 30.99 10.99
CA MET D 40 12.97 31.80 12.15
C MET D 40 13.92 32.92 11.71
N PRO D 41 14.00 34.02 12.51
CA PRO D 41 14.81 35.17 12.08
C PRO D 41 16.23 34.77 11.70
N GLY D 42 16.62 35.10 10.46
CA GLY D 42 17.92 34.75 9.94
C GLY D 42 18.20 33.27 9.73
N LYS D 43 17.18 32.42 9.81
CA LYS D 43 17.38 30.98 9.67
C LYS D 43 16.77 30.49 8.34
N GLY D 44 16.84 29.17 8.14
CA GLY D 44 16.27 28.56 6.95
C GLY D 44 14.82 28.23 7.11
N LEU D 45 14.37 27.23 6.35
CA LEU D 45 12.95 26.95 6.21
C LEU D 45 12.63 25.62 6.88
N GLU D 46 11.43 25.51 7.46
CA GLU D 46 10.98 24.25 8.07
C GLU D 46 9.52 23.98 7.76
N TRP D 47 9.19 22.80 7.23
CA TRP D 47 7.77 22.42 7.08
C TRP D 47 7.18 22.17 8.46
N MET D 48 5.95 22.64 8.68
CA MET D 48 5.23 22.35 9.91
C MET D 48 4.16 21.28 9.72
N GLY D 49 3.50 21.27 8.58
CA GLY D 49 2.53 20.24 8.26
C GLY D 49 1.69 20.73 7.10
N ILE D 50 0.80 19.84 6.64
CA ILE D 50 -0.07 20.13 5.50
C ILE D 50 -1.46 19.55 5.79
N ILE D 51 -2.45 20.03 5.04
CA ILE D 51 -3.83 19.55 5.19
C ILE D 51 -4.44 19.44 3.81
N TYR D 52 -5.29 18.42 3.60
CA TYR D 52 -6.01 18.31 2.33
C TYR D 52 -7.44 18.78 2.57
N PRO D 53 -7.81 19.99 2.17
CA PRO D 53 -9.12 20.55 2.59
C PRO D 53 -10.30 19.69 2.14
N GLY D 54 -11.22 19.49 3.08
CA GLY D 54 -12.43 18.75 2.82
C GLY D 54 -12.27 17.24 2.76
N GLU D 55 -11.08 16.70 3.12
CA GLU D 55 -10.93 15.25 3.10
C GLU D 55 -10.44 14.66 4.42
N SER D 56 -10.56 15.38 5.53
CA SER D 56 -10.18 14.84 6.85
C SER D 56 -8.77 14.24 6.80
N ASP D 57 -7.77 15.07 6.47
CA ASP D 57 -6.41 14.53 6.44
C ASP D 57 -5.41 15.66 6.70
N THR D 58 -4.89 15.71 7.91
CA THR D 58 -3.83 16.64 8.31
C THR D 58 -2.59 15.81 8.62
N ARG D 59 -1.42 16.28 8.18
CA ARG D 59 -0.17 15.59 8.39
C ARG D 59 0.81 16.58 8.98
N TYR D 60 1.43 16.23 10.09
CA TYR D 60 2.31 17.16 10.77
C TYR D 60 3.76 16.75 10.56
N SER D 61 4.62 17.75 10.40
CA SER D 61 6.04 17.49 10.50
C SER D 61 6.38 17.01 11.92
N SER D 62 7.43 16.16 12.03
CA SER D 62 7.66 15.47 13.30
C SER D 62 7.97 16.43 14.44
N SER D 63 8.68 17.53 14.17
CA SER D 63 8.95 18.40 15.32
C SER D 63 7.80 19.34 15.66
N PHE D 64 6.73 19.41 14.85
CA PHE D 64 5.62 20.29 15.16
C PHE D 64 4.37 19.56 15.65
N GLN D 65 4.28 18.25 15.44
CA GLN D 65 3.12 17.51 15.90
C GLN D 65 2.93 17.70 17.41
N GLY D 66 1.70 17.98 17.82
CA GLY D 66 1.39 18.24 19.21
C GLY D 66 1.61 19.67 19.67
N HIS D 67 2.27 20.51 18.88
CA HIS D 67 2.54 21.88 19.31
C HIS D 67 1.72 22.92 18.56
N VAL D 68 1.14 22.56 17.41
CA VAL D 68 0.29 23.46 16.64
C VAL D 68 -0.85 22.63 16.10
N THR D 69 -1.93 23.31 15.73
CA THR D 69 -3.04 22.67 15.03
C THR D 69 -3.20 23.33 13.68
N ILE D 70 -3.20 22.53 12.63
CA ILE D 70 -3.47 23.00 11.27
C ILE D 70 -4.90 22.60 10.93
N SER D 71 -5.67 23.54 10.38
CA SER D 71 -7.05 23.21 9.99
C SER D 71 -7.42 23.97 8.72
N ALA D 72 -8.66 23.75 8.25
CA ALA D 72 -9.10 24.45 7.05
C ALA D 72 -10.61 24.58 7.06
N ASP D 73 -11.10 25.54 6.27
CA ASP D 73 -12.54 25.78 6.08
C ASP D 73 -12.75 25.91 4.58
N LYS D 74 -13.13 24.82 3.90
CA LYS D 74 -13.17 24.86 2.45
C LYS D 74 -14.20 25.88 1.93
N SER D 75 -15.29 26.10 2.67
CA SER D 75 -16.31 27.01 2.15
C SER D 75 -15.79 28.44 1.99
N ILE D 76 -14.74 28.83 2.72
CA ILE D 76 -14.13 30.14 2.49
C ILE D 76 -12.70 29.99 1.98
N SER D 77 -12.34 28.80 1.49
CA SER D 77 -11.02 28.55 0.90
C SER D 77 -9.88 29.01 1.81
N THR D 78 -10.00 28.74 3.11
CA THR D 78 -9.03 29.29 4.06
C THR D 78 -8.41 28.18 4.89
N ALA D 79 -7.09 28.25 5.05
CA ALA D 79 -6.33 27.32 5.87
C ALA D 79 -5.83 28.07 7.09
N TYR D 80 -5.62 27.35 8.20
CA TYR D 80 -5.31 27.99 9.47
C TYR D 80 -4.15 27.30 10.16
N LEU D 81 -3.47 28.05 11.01
CA LEU D 81 -2.38 27.56 11.84
C LEU D 81 -2.61 28.15 13.23
N GLN D 82 -2.59 27.31 14.28
CA GLN D 82 -3.08 27.75 15.59
C GLN D 82 -2.18 27.22 16.71
N TRP D 83 -1.91 28.09 17.68
CA TRP D 83 -1.21 27.73 18.91
C TRP D 83 -2.14 27.95 20.09
N SER D 84 -2.23 26.98 21.01
CA SER D 84 -2.97 27.23 22.24
C SER D 84 -2.17 28.08 23.24
N SER D 85 -0.83 27.94 23.27
CA SER D 85 -0.03 28.67 24.27
C SER D 85 1.32 29.02 23.66
N LEU D 86 1.48 30.27 23.23
CA LEU D 86 2.69 30.69 22.53
C LEU D 86 3.87 30.82 23.48
N LYS D 87 5.06 30.52 22.95
CA LYS D 87 6.31 30.78 23.63
C LYS D 87 7.13 31.75 22.80
N ALA D 88 7.99 32.53 23.46
CA ALA D 88 8.84 33.47 22.72
C ALA D 88 9.63 32.76 21.61
N SER D 89 9.91 31.47 21.78
CA SER D 89 10.49 30.61 20.74
C SER D 89 9.66 30.52 19.46
N ASP D 90 8.39 30.92 19.47
CA ASP D 90 7.55 30.87 18.26
C ASP D 90 7.67 32.12 17.40
N THR D 91 8.48 33.10 17.80
CA THR D 91 8.66 34.31 16.99
C THR D 91 9.32 33.92 15.67
N ALA D 92 8.64 34.19 14.57
CA ALA D 92 9.11 33.74 13.25
C ALA D 92 8.22 34.36 12.18
N MET D 93 8.65 34.19 10.92
CA MET D 93 7.80 34.39 9.76
C MET D 93 7.14 33.05 9.43
N TYR D 94 5.84 33.06 9.18
CA TYR D 94 5.11 31.85 8.80
C TYR D 94 4.56 32.03 7.40
N TYR D 95 4.83 31.07 6.52
CA TYR D 95 4.32 31.08 5.15
C TYR D 95 3.33 29.96 4.96
N CYS D 96 2.24 30.21 4.21
CA CYS D 96 1.45 29.09 3.73
C CYS D 96 1.90 28.81 2.30
N ALA D 97 1.71 27.57 1.88
CA ALA D 97 2.17 27.18 0.54
C ALA D 97 1.26 26.08 0.04
N ARG D 98 0.83 26.21 -1.21
CA ARG D 98 0.09 25.13 -1.87
C ARG D 98 1.07 24.07 -2.35
N ILE D 99 0.79 22.82 -2.03
CA ILE D 99 1.61 21.71 -2.53
C ILE D 99 1.13 21.39 -3.93
N ARG D 100 2.05 21.34 -4.90
CA ARG D 100 1.63 21.20 -6.29
C ARG D 100 0.92 19.87 -6.50
N GLY D 101 1.38 18.82 -5.83
CA GLY D 101 0.77 17.50 -5.97
C GLY D 101 1.83 16.42 -5.75
N VAL D 102 1.63 15.30 -6.46
CA VAL D 102 2.45 14.09 -6.30
C VAL D 102 2.74 13.53 -7.69
N TYR D 103 3.70 12.61 -7.75
CA TYR D 103 3.84 11.81 -8.96
C TYR D 103 4.49 10.50 -8.53
N SER D 104 4.18 9.43 -9.27
CA SER D 104 4.67 8.11 -8.91
C SER D 104 4.48 7.81 -7.43
N SER D 105 5.56 7.73 -6.64
CA SER D 105 5.45 7.35 -5.23
C SER D 105 5.95 8.43 -4.25
N GLY D 106 6.06 9.68 -4.71
CA GLY D 106 6.52 10.76 -3.83
C GLY D 106 5.87 12.09 -4.20
N TRP D 107 6.33 13.17 -3.58
CA TRP D 107 5.59 14.42 -3.58
C TRP D 107 6.29 15.48 -4.41
N ILE D 108 5.56 16.54 -4.72
CA ILE D 108 6.13 17.75 -5.31
C ILE D 108 6.19 18.82 -4.20
N GLY D 109 7.06 19.81 -4.38
CA GLY D 109 7.16 20.91 -3.45
C GLY D 109 6.02 21.92 -3.61
N GLY D 110 6.18 23.07 -2.95
CA GLY D 110 5.12 24.06 -2.94
C GLY D 110 5.18 24.99 -4.14
N ASP D 111 4.14 24.99 -4.99
CA ASP D 111 4.24 25.79 -6.20
C ASP D 111 3.73 27.22 -6.04
N TYR D 112 2.87 27.52 -5.06
CA TYR D 112 2.44 28.89 -4.81
C TYR D 112 2.51 29.18 -3.31
N TRP D 113 2.95 30.39 -2.96
CA TRP D 113 3.20 30.74 -1.58
C TRP D 113 2.48 32.03 -1.20
N GLY D 114 2.02 32.09 0.06
CA GLY D 114 1.51 33.33 0.63
C GLY D 114 2.65 34.32 0.86
N GLN D 115 2.29 35.56 1.21
CA GLN D 115 3.31 36.60 1.39
C GLN D 115 3.99 36.52 2.75
N GLY D 116 3.53 35.63 3.65
CA GLY D 116 4.15 35.51 4.95
C GLY D 116 3.43 36.33 6.02
N THR D 117 3.45 35.80 7.25
CA THR D 117 2.87 36.45 8.44
C THR D 117 3.95 36.49 9.49
N LEU D 118 4.37 37.69 9.91
CA LEU D 118 5.33 37.79 11.00
C LEU D 118 4.60 37.65 12.33
N VAL D 119 5.08 36.74 13.18
CA VAL D 119 4.49 36.54 14.52
C VAL D 119 5.58 36.88 15.53
N THR D 120 5.31 37.87 16.39
CA THR D 120 6.25 38.27 17.42
C THR D 120 5.64 37.91 18.77
N VAL D 121 6.37 37.14 19.57
CA VAL D 121 5.93 36.77 20.91
C VAL D 121 6.86 37.46 21.88
N SER D 122 6.30 38.36 22.69
CA SER D 122 7.13 39.17 23.55
C SER D 122 6.27 39.72 24.68
N SER D 123 6.92 39.98 25.80
CA SER D 123 6.25 40.67 26.90
C SER D 123 6.26 42.18 26.73
N ALA D 124 7.09 42.71 25.82
CA ALA D 124 7.24 44.15 25.67
C ALA D 124 5.95 44.79 25.15
N SER D 125 5.77 46.07 25.44
CA SER D 125 4.56 46.73 24.99
C SER D 125 4.68 47.17 23.53
N THR D 126 3.55 47.12 22.82
CA THR D 126 3.46 47.68 21.46
C THR D 126 3.61 49.19 21.49
N LYS D 127 4.37 49.74 20.54
CA LYS D 127 4.58 51.19 20.49
C LYS D 127 4.69 51.62 19.03
N GLY D 128 3.93 52.66 18.67
CA GLY D 128 3.97 53.20 17.35
C GLY D 128 5.18 54.11 17.19
N PRO D 129 5.63 54.28 15.95
CA PRO D 129 6.83 55.08 15.69
C PRO D 129 6.56 56.59 15.71
N SER D 130 7.65 57.34 15.90
CA SER D 130 7.72 58.74 15.54
C SER D 130 8.32 58.84 14.15
N VAL D 131 7.91 59.83 13.37
CA VAL D 131 8.42 60.01 12.01
C VAL D 131 9.05 61.38 11.88
N PHE D 132 10.33 61.44 11.53
CA PHE D 132 10.99 62.72 11.39
C PHE D 132 11.52 62.92 9.98
N PRO D 133 11.56 64.16 9.51
CA PRO D 133 12.08 64.43 8.16
C PRO D 133 13.59 64.32 8.09
N LEU D 134 14.08 63.77 7.00
CA LEU D 134 15.50 63.85 6.66
C LEU D 134 15.54 64.84 5.50
N ALA D 135 15.82 66.13 5.81
CA ALA D 135 15.51 67.16 4.83
C ALA D 135 16.65 67.26 3.81
N PRO D 136 16.34 67.51 2.53
CA PRO D 136 17.40 67.69 1.54
C PRO D 136 18.20 68.94 1.84
N SER D 137 19.49 68.87 1.55
CA SER D 137 20.43 69.93 1.89
C SER D 137 20.27 71.14 0.97
N SER D 138 21.03 72.19 1.30
CA SER D 138 21.18 73.42 0.49
C SER D 138 19.86 74.15 0.32
N GLY D 144 22.98 68.67 -8.92
CA GLY D 144 22.77 67.40 -9.59
C GLY D 144 21.72 66.54 -8.91
N THR D 145 22.15 65.74 -7.95
CA THR D 145 21.28 64.80 -7.25
C THR D 145 21.19 65.19 -5.77
N ALA D 146 19.97 65.12 -5.24
CA ALA D 146 19.73 65.42 -3.83
C ALA D 146 19.15 64.18 -3.17
N ALA D 147 19.29 64.10 -1.86
CA ALA D 147 18.73 62.99 -1.10
C ALA D 147 17.86 63.53 0.02
N LEU D 148 16.74 62.86 0.27
CA LEU D 148 15.84 63.24 1.35
C LEU D 148 15.22 61.95 1.89
N GLY D 149 14.55 62.04 3.02
CA GLY D 149 13.98 60.81 3.53
C GLY D 149 13.15 61.04 4.77
N CYS D 150 12.80 59.92 5.42
CA CYS D 150 12.08 59.94 6.69
C CYS D 150 12.75 58.95 7.64
N LEU D 151 12.98 59.39 8.87
CA LEU D 151 13.44 58.56 9.97
C LEU D 151 12.23 58.04 10.74
N VAL D 152 12.08 56.73 10.82
CA VAL D 152 10.94 56.13 11.49
C VAL D 152 11.48 55.53 12.78
N LYS D 153 11.28 56.21 13.91
CA LYS D 153 12.03 55.90 15.12
C LYS D 153 11.14 55.32 16.23
N ASP D 154 11.65 54.30 16.93
CA ASP D 154 11.15 53.86 18.23
C ASP D 154 9.79 53.18 18.16
N TYR D 155 9.72 52.02 17.51
CA TYR D 155 8.47 51.28 17.44
C TYR D 155 8.73 49.83 17.85
N PHE D 156 7.64 49.12 18.15
CA PHE D 156 7.67 47.71 18.49
C PHE D 156 6.26 47.19 18.34
N PRO D 157 6.07 45.98 17.77
CA PRO D 157 7.10 45.13 17.17
C PRO D 157 7.30 45.50 15.69
N GLU D 158 8.12 44.75 14.97
CA GLU D 158 8.07 44.81 13.52
C GLU D 158 6.72 44.29 13.04
N PRO D 159 6.28 44.67 11.82
CA PRO D 159 6.98 45.56 10.87
C PRO D 159 6.34 46.94 10.66
N VAL D 160 7.10 47.86 10.08
CA VAL D 160 6.50 49.05 9.49
C VAL D 160 6.70 48.97 7.99
N THR D 161 5.83 49.65 7.26
CA THR D 161 5.97 49.80 5.82
C THR D 161 6.01 51.29 5.52
N VAL D 162 6.73 51.65 4.46
CA VAL D 162 6.91 53.04 4.05
C VAL D 162 6.66 53.11 2.55
N SER D 163 5.84 54.05 2.12
CA SER D 163 5.77 54.40 0.71
C SER D 163 6.07 55.87 0.59
N TRP D 164 6.29 56.31 -0.65
CA TRP D 164 6.48 57.72 -0.95
C TRP D 164 5.39 58.17 -1.90
N ASN D 165 4.78 59.31 -1.60
CA ASN D 165 3.70 59.86 -2.43
C ASN D 165 2.65 58.79 -2.74
N SER D 166 2.29 58.02 -1.70
CA SER D 166 1.22 57.04 -1.75
C SER D 166 1.45 55.97 -2.82
N GLY D 167 2.72 55.63 -3.09
CA GLY D 167 3.08 54.62 -4.06
C GLY D 167 3.52 55.15 -5.41
N ALA D 168 3.34 56.44 -5.68
CA ALA D 168 3.67 56.97 -7.00
C ALA D 168 5.18 57.11 -7.21
N LEU D 169 5.95 57.27 -6.12
CA LEU D 169 7.39 57.46 -6.18
C LEU D 169 8.05 56.18 -5.67
N THR D 170 8.66 55.41 -6.60
CA THR D 170 9.38 54.19 -6.25
C THR D 170 10.83 54.20 -6.71
N SER D 171 11.16 54.95 -7.77
CA SER D 171 12.50 54.99 -8.30
C SER D 171 13.43 55.79 -7.38
N GLY D 172 14.59 55.23 -7.07
CA GLY D 172 15.51 55.89 -6.17
C GLY D 172 15.23 55.68 -4.69
N VAL D 173 14.18 54.94 -4.32
CA VAL D 173 13.81 54.76 -2.92
C VAL D 173 14.63 53.63 -2.32
N HIS D 174 15.22 53.89 -1.14
CA HIS D 174 15.84 52.82 -0.35
C HIS D 174 15.22 52.85 1.04
N THR D 175 14.46 51.83 1.39
CA THR D 175 13.92 51.69 2.74
C THR D 175 14.79 50.66 3.46
N PHE D 176 15.54 51.11 4.48
CA PHE D 176 16.53 50.25 5.10
C PHE D 176 15.89 49.21 6.01
N PRO D 177 16.50 48.02 6.13
CA PRO D 177 16.08 47.08 7.16
C PRO D 177 16.11 47.75 8.53
N ALA D 178 15.15 47.39 9.37
CA ALA D 178 15.07 47.97 10.69
C ALA D 178 16.24 47.51 11.55
N VAL D 179 16.60 48.34 12.51
CA VAL D 179 17.65 48.04 13.46
C VAL D 179 17.04 48.00 14.85
N LEU D 180 17.49 47.06 15.67
CA LEU D 180 17.03 46.97 17.05
C LEU D 180 17.95 47.83 17.91
N GLN D 181 17.38 48.84 18.57
CA GLN D 181 18.19 49.69 19.43
C GLN D 181 18.36 49.03 20.79
N SER D 182 19.40 49.48 21.51
CA SER D 182 19.63 49.01 22.87
C SER D 182 18.42 49.26 23.78
N SER D 183 17.58 50.22 23.40
CA SER D 183 16.26 50.44 23.99
C SER D 183 15.36 49.20 23.97
N GLY D 184 15.53 48.31 23.00
CA GLY D 184 14.50 47.32 22.74
C GLY D 184 13.50 47.73 21.70
N LEU D 185 13.61 48.94 21.17
CA LEU D 185 12.73 49.46 20.14
C LEU D 185 13.43 49.45 18.80
N TYR D 186 12.65 49.31 17.72
CA TYR D 186 13.19 49.34 16.37
C TYR D 186 13.19 50.75 15.79
N SER D 187 14.10 50.99 14.85
CA SER D 187 14.09 52.20 14.04
C SER D 187 14.49 51.83 12.62
N LEU D 188 14.00 52.59 11.64
CA LEU D 188 14.52 52.47 10.28
C LEU D 188 14.45 53.84 9.63
N SER D 189 15.12 53.97 8.48
CA SER D 189 15.02 55.15 7.63
C SER D 189 14.59 54.72 6.25
N SER D 190 13.89 55.61 5.55
CA SER D 190 13.59 55.42 4.13
C SER D 190 14.07 56.66 3.41
N VAL D 191 14.90 56.49 2.38
CA VAL D 191 15.48 57.63 1.70
C VAL D 191 15.17 57.53 0.21
N VAL D 192 15.25 58.67 -0.47
CA VAL D 192 15.09 58.68 -1.91
C VAL D 192 16.03 59.73 -2.47
N THR D 193 16.67 59.43 -3.61
CA THR D 193 17.45 60.42 -4.33
C THR D 193 16.62 60.98 -5.46
N VAL D 194 16.71 62.29 -5.65
CA VAL D 194 15.89 63.04 -6.60
C VAL D 194 16.73 64.13 -7.21
N PRO D 195 16.38 64.60 -8.40
CA PRO D 195 17.14 65.73 -9.00
C PRO D 195 17.06 66.96 -8.12
N SER D 196 18.20 67.64 -7.97
CA SER D 196 18.26 68.85 -7.16
C SER D 196 17.31 69.92 -7.66
N SER D 197 17.13 70.03 -8.98
CA SER D 197 16.20 71.03 -9.54
C SER D 197 14.76 70.78 -9.13
N SER D 198 14.43 69.57 -8.69
CA SER D 198 13.04 69.26 -8.34
C SER D 198 12.63 69.81 -6.97
N LEU D 199 13.60 70.17 -6.11
CA LEU D 199 13.30 70.40 -4.70
C LEU D 199 12.39 71.60 -4.48
N GLY D 200 12.41 72.59 -5.38
CA GLY D 200 11.48 73.70 -5.22
C GLY D 200 10.04 73.31 -5.44
N THR D 201 9.81 72.38 -6.37
CA THR D 201 8.51 72.17 -7.01
C THR D 201 7.86 70.84 -6.68
N GLN D 202 8.62 69.74 -6.66
CA GLN D 202 8.01 68.43 -6.48
C GLN D 202 7.69 68.21 -5.00
N THR D 203 6.59 67.50 -4.76
CA THR D 203 6.14 67.19 -3.40
C THR D 203 6.67 65.81 -3.01
N TYR D 204 7.21 65.69 -1.79
CA TYR D 204 7.69 64.41 -1.29
C TYR D 204 7.07 64.15 0.08
N ILE D 205 6.20 63.15 0.15
CA ILE D 205 5.55 62.74 1.39
C ILE D 205 5.86 61.27 1.63
N CYS D 206 6.37 60.95 2.81
CA CYS D 206 6.55 59.55 3.16
C CYS D 206 5.34 59.11 3.96
N ASN D 207 4.79 57.95 3.61
CA ASN D 207 3.61 57.37 4.26
C ASN D 207 4.08 56.18 5.08
N VAL D 208 3.87 56.23 6.38
CA VAL D 208 4.36 55.21 7.31
C VAL D 208 3.16 54.50 7.90
N ASN D 209 3.17 53.17 7.88
CA ASN D 209 2.11 52.39 8.51
C ASN D 209 2.74 51.38 9.44
N HIS D 210 2.31 51.40 10.72
CA HIS D 210 2.68 50.42 11.74
C HIS D 210 1.37 49.77 12.18
N LYS D 211 0.95 48.74 11.47
CA LYS D 211 -0.35 48.14 11.80
C LYS D 211 -0.45 47.61 13.23
N PRO D 212 0.59 46.99 13.83
CA PRO D 212 0.43 46.50 15.22
C PRO D 212 -0.02 47.56 16.21
N SER D 213 0.27 48.84 15.96
CA SER D 213 -0.19 49.92 16.82
C SER D 213 -1.29 50.76 16.18
N ASN D 214 -1.77 50.36 15.02
CA ASN D 214 -2.73 51.14 14.22
C ASN D 214 -2.27 52.60 14.11
N THR D 215 -1.01 52.76 13.70
CA THR D 215 -0.40 54.07 13.49
C THR D 215 -0.23 54.30 12.00
N LYS D 216 -0.75 55.43 11.51
CA LYS D 216 -0.53 55.88 10.15
C LYS D 216 -0.01 57.30 10.22
N VAL D 217 1.15 57.56 9.60
CA VAL D 217 1.73 58.89 9.65
C VAL D 217 2.16 59.26 8.24
N ASP D 218 1.82 60.47 7.82
CA ASP D 218 2.37 61.07 6.62
C ASP D 218 3.29 62.20 7.05
N LYS D 219 4.43 62.32 6.41
CA LYS D 219 5.35 63.41 6.68
C LYS D 219 5.73 64.06 5.38
N LYS D 220 5.45 65.35 5.25
CA LYS D 220 5.90 66.13 4.10
C LYS D 220 7.35 66.54 4.34
N VAL D 221 8.25 66.20 3.41
CA VAL D 221 9.68 66.44 3.60
C VAL D 221 10.10 67.58 2.69
N GLU D 222 10.39 68.73 3.28
CA GLU D 222 10.68 69.95 2.54
C GLU D 222 12.14 70.37 2.75
N PRO D 223 12.73 71.08 1.78
CA PRO D 223 14.09 71.62 1.96
C PRO D 223 14.22 72.34 3.30
N LYS D 224 15.33 72.06 3.98
CA LYS D 224 15.53 72.30 5.41
C LYS D 224 15.13 73.69 5.88
N ASP E 1 15.21 13.15 9.29
CA ASP E 1 15.86 11.84 9.21
C ASP E 1 16.57 11.65 7.86
N ILE E 2 16.11 12.34 6.80
CA ILE E 2 16.93 12.49 5.61
C ILE E 2 17.58 13.87 5.70
N GLN E 3 18.89 13.94 5.85
CA GLN E 3 19.58 15.22 5.97
C GLN E 3 19.91 15.76 4.59
N MET E 4 19.57 17.03 4.35
CA MET E 4 19.87 17.69 3.07
C MET E 4 20.95 18.72 3.33
N THR E 5 22.02 18.68 2.54
CA THR E 5 23.12 19.62 2.67
C THR E 5 23.44 20.21 1.31
N GLN E 6 23.84 21.47 1.31
CA GLN E 6 24.06 22.23 0.10
C GLN E 6 25.48 22.74 0.06
N SER E 7 25.98 22.98 -1.16
CA SER E 7 27.29 23.57 -1.35
C SER E 7 27.26 24.43 -2.62
N PRO E 8 27.98 25.57 -2.65
CA PRO E 8 28.77 26.13 -1.55
C PRO E 8 27.86 26.86 -0.59
N SER E 9 28.44 27.51 0.42
CA SER E 9 27.60 28.27 1.33
C SER E 9 27.19 29.62 0.73
N SER E 10 28.11 30.30 0.03
CA SER E 10 27.74 31.49 -0.71
C SER E 10 28.69 31.63 -1.89
N LEU E 11 28.31 32.43 -2.87
CA LEU E 11 29.20 32.65 -4.02
C LEU E 11 28.87 33.99 -4.62
N SER E 12 29.83 34.57 -5.34
CA SER E 12 29.61 35.82 -6.06
C SER E 12 29.94 35.56 -7.53
N ALA E 13 29.09 36.01 -8.44
CA ALA E 13 29.29 35.75 -9.87
C ALA E 13 28.77 36.93 -10.69
N SER E 14 29.40 37.15 -11.84
CA SER E 14 29.06 38.30 -12.68
C SER E 14 27.82 38.03 -13.53
N VAL E 15 27.18 39.11 -13.97
CA VAL E 15 26.07 38.98 -14.89
C VAL E 15 26.54 38.24 -16.13
N GLY E 16 25.77 37.24 -16.56
CA GLY E 16 26.14 36.37 -17.67
C GLY E 16 26.96 35.15 -17.29
N ASP E 17 27.40 35.05 -16.05
CA ASP E 17 28.15 33.87 -15.62
C ASP E 17 27.19 32.68 -15.52
N ARG E 18 27.74 31.49 -15.36
CA ARG E 18 26.94 30.31 -15.05
C ARG E 18 27.09 29.97 -13.58
N VAL E 19 25.98 29.87 -12.84
CA VAL E 19 26.06 29.52 -11.43
C VAL E 19 25.72 28.04 -11.26
N THR E 20 26.54 27.33 -10.49
CA THR E 20 26.34 25.89 -10.25
C THR E 20 26.28 25.65 -8.75
N ILE E 21 25.19 25.05 -8.29
CA ILE E 21 24.94 24.83 -6.88
C ILE E 21 24.55 23.37 -6.68
N THR E 22 25.04 22.74 -5.60
CA THR E 22 24.77 21.32 -5.43
C THR E 22 24.09 21.03 -4.10
N CYS E 23 23.42 19.88 -4.09
CA CYS E 23 22.59 19.49 -2.96
C CYS E 23 22.79 17.99 -2.79
N ARG E 24 22.96 17.52 -1.54
CA ARG E 24 23.22 16.12 -1.27
C ARG E 24 22.22 15.62 -0.25
N ALA E 25 21.67 14.43 -0.47
CA ALA E 25 20.77 13.80 0.50
C ALA E 25 21.52 12.68 1.21
N SER E 26 21.22 12.46 2.50
CA SER E 26 21.91 11.44 3.29
C SER E 26 21.50 10.03 2.92
N GLN E 27 20.43 9.87 2.13
CA GLN E 27 20.09 8.60 1.53
C GLN E 27 19.34 8.91 0.24
N SER E 28 19.16 7.89 -0.59
CA SER E 28 18.48 8.13 -1.87
C SER E 28 17.10 8.74 -1.68
N ILE E 29 16.83 9.79 -2.46
CA ILE E 29 15.50 10.38 -2.53
C ILE E 29 14.92 10.24 -3.94
N SER E 30 15.48 9.32 -4.73
CA SER E 30 15.09 9.14 -6.12
C SER E 30 15.15 10.46 -6.89
N SER E 31 14.02 10.92 -7.44
CA SER E 31 13.95 12.17 -8.17
C SER E 31 13.19 13.26 -7.44
N TYR E 32 12.75 13.01 -6.20
CA TYR E 32 11.80 13.89 -5.53
C TYR E 32 12.55 15.02 -4.83
N LEU E 33 13.02 15.95 -5.65
CA LEU E 33 13.92 17.01 -5.18
C LEU E 33 13.48 18.32 -5.80
N ASN E 34 13.30 19.34 -4.95
CA ASN E 34 12.80 20.64 -5.37
C ASN E 34 13.84 21.70 -5.08
N TRP E 35 13.90 22.74 -5.94
CA TRP E 35 14.74 23.91 -5.71
C TRP E 35 13.88 25.15 -5.58
N TYR E 36 14.13 25.94 -4.54
CA TYR E 36 13.42 27.20 -4.34
C TYR E 36 14.38 28.38 -4.38
N GLN E 37 13.86 29.53 -4.75
CA GLN E 37 14.59 30.81 -4.73
C GLN E 37 13.93 31.70 -3.68
N GLN E 38 14.72 32.29 -2.79
CA GLN E 38 14.12 33.22 -1.84
C GLN E 38 14.88 34.54 -1.88
N LYS E 39 14.21 35.58 -2.35
CA LYS E 39 14.74 36.93 -2.42
C LYS E 39 14.47 37.64 -1.11
N PRO E 40 15.34 38.58 -0.76
CA PRO E 40 15.21 39.26 0.54
C PRO E 40 13.80 39.77 0.75
N GLY E 41 13.23 39.39 1.89
CA GLY E 41 11.91 39.86 2.30
C GLY E 41 10.75 39.28 1.54
N LYS E 42 10.97 38.22 0.74
CA LYS E 42 9.92 37.60 -0.05
C LYS E 42 9.76 36.14 0.35
N ALA E 43 8.62 35.58 -0.05
CA ALA E 43 8.39 34.17 0.11
C ALA E 43 9.26 33.37 -0.84
N PRO E 44 9.64 32.14 -0.47
CA PRO E 44 10.28 31.23 -1.42
C PRO E 44 9.43 31.06 -2.67
N LYS E 45 10.12 30.79 -3.77
CA LYS E 45 9.51 30.62 -5.08
C LYS E 45 10.00 29.29 -5.62
N LEU E 46 9.10 28.41 -6.06
CA LEU E 46 9.53 27.13 -6.61
C LEU E 46 10.09 27.31 -8.01
N LEU E 47 11.32 26.82 -8.24
CA LEU E 47 11.98 26.87 -9.54
C LEU E 47 11.91 25.54 -10.28
N ILE E 48 12.28 24.47 -9.60
CA ILE E 48 12.47 23.14 -10.15
C ILE E 48 11.79 22.14 -9.24
N TYR E 49 11.09 21.15 -9.82
CA TYR E 49 10.58 20.02 -9.06
C TYR E 49 10.90 18.75 -9.84
N ALA E 50 10.74 17.61 -9.17
CA ALA E 50 11.09 16.32 -9.79
C ALA E 50 12.53 16.36 -10.29
N ALA E 51 13.41 17.08 -9.56
CA ALA E 51 14.85 17.21 -9.80
C ALA E 51 15.18 18.03 -11.06
N SER E 52 14.36 17.92 -12.11
CA SER E 52 14.73 18.57 -13.35
C SER E 52 13.58 19.25 -14.09
N SER E 53 12.34 19.24 -13.58
CA SER E 53 11.25 19.89 -14.29
C SER E 53 11.13 21.35 -13.85
N LEU E 54 10.98 22.24 -14.84
CA LEU E 54 10.87 23.68 -14.60
C LEU E 54 9.45 24.06 -14.25
N GLN E 55 9.26 24.78 -13.14
CA GLN E 55 7.93 25.25 -12.80
C GLN E 55 7.48 26.33 -13.79
N SER E 56 6.17 26.36 -14.09
CA SER E 56 5.62 27.32 -15.07
C SER E 56 6.01 28.75 -14.76
N GLY E 57 6.41 29.49 -15.79
CA GLY E 57 6.77 30.88 -15.63
C GLY E 57 8.21 31.13 -15.20
N VAL E 58 8.92 30.08 -14.80
CA VAL E 58 10.31 30.28 -14.37
C VAL E 58 11.16 30.36 -15.63
N PRO E 59 12.09 31.32 -15.71
CA PRO E 59 12.91 31.46 -16.92
C PRO E 59 13.74 30.20 -17.22
N SER E 60 13.95 29.95 -18.51
CA SER E 60 14.64 28.74 -18.97
C SER E 60 16.13 28.70 -18.60
N ARG E 61 16.72 29.81 -18.14
CA ARG E 61 18.09 29.75 -17.68
C ARG E 61 18.27 28.93 -16.41
N PHE E 62 17.18 28.60 -15.70
CA PHE E 62 17.27 27.73 -14.53
C PHE E 62 17.08 26.29 -14.97
N SER E 63 17.99 25.41 -14.55
CA SER E 63 17.80 24.00 -14.84
C SER E 63 18.32 23.17 -13.68
N GLY E 64 17.80 21.96 -13.55
CA GLY E 64 18.22 21.06 -12.50
C GLY E 64 18.56 19.71 -13.07
N SER E 65 19.41 19.00 -12.34
CA SER E 65 19.78 17.66 -12.75
C SER E 65 20.16 16.86 -11.52
N GLY E 66 20.34 15.56 -11.72
CA GLY E 66 20.78 14.65 -10.67
C GLY E 66 19.67 13.67 -10.30
N SER E 67 20.01 12.79 -9.38
CA SER E 67 19.13 11.71 -8.95
C SER E 67 19.76 11.03 -7.75
N GLY E 68 18.95 10.31 -6.99
CA GLY E 68 19.50 9.52 -5.93
C GLY E 68 19.93 10.36 -4.75
N THR E 69 21.22 10.59 -4.57
CA THR E 69 21.70 11.37 -3.45
C THR E 69 22.32 12.70 -3.85
N ASP E 70 22.44 13.02 -5.14
CA ASP E 70 23.25 14.18 -5.53
C ASP E 70 22.59 14.91 -6.69
N PHE E 71 22.44 16.23 -6.54
CA PHE E 71 21.60 17.07 -7.38
C PHE E 71 22.32 18.39 -7.64
N THR E 72 21.99 19.03 -8.75
CA THR E 72 22.64 20.27 -9.14
C THR E 72 21.59 21.24 -9.66
N LEU E 73 21.65 22.49 -9.20
CA LEU E 73 20.90 23.59 -9.80
C LEU E 73 21.88 24.40 -10.64
N THR E 74 21.55 24.65 -11.89
CA THR E 74 22.40 25.50 -12.72
C THR E 74 21.62 26.71 -13.18
N ILE E 75 22.18 27.89 -12.97
CA ILE E 75 21.63 29.13 -13.51
C ILE E 75 22.56 29.55 -14.63
N SER E 76 22.12 29.39 -15.88
CA SER E 76 22.91 29.92 -16.97
C SER E 76 22.65 31.42 -17.13
N SER E 77 23.60 32.12 -17.72
CA SER E 77 23.46 33.55 -18.01
C SER E 77 22.82 34.31 -16.84
N LEU E 78 23.55 34.35 -15.73
CA LEU E 78 23.06 34.94 -14.50
C LEU E 78 22.63 36.38 -14.75
N GLN E 79 21.47 36.75 -14.19
CA GLN E 79 20.91 38.08 -14.34
C GLN E 79 20.98 38.83 -13.03
N PRO E 80 21.02 40.17 -13.05
CA PRO E 80 21.06 40.95 -11.78
C PRO E 80 19.93 40.59 -10.82
N GLU E 81 18.75 40.26 -11.31
CA GLU E 81 17.65 39.96 -10.42
C GLU E 81 17.73 38.55 -9.84
N ASP E 82 18.78 37.80 -10.15
CA ASP E 82 18.92 36.45 -9.62
C ASP E 82 19.60 36.39 -8.25
N PHE E 83 20.02 37.50 -7.67
CA PHE E 83 20.55 37.39 -6.33
C PHE E 83 19.45 36.93 -5.38
N ALA E 84 19.79 35.97 -4.53
CA ALA E 84 18.82 35.31 -3.66
C ALA E 84 19.57 34.25 -2.89
N THR E 85 18.86 33.62 -1.93
CA THR E 85 19.28 32.36 -1.34
C THR E 85 18.48 31.23 -1.99
N TYR E 86 19.18 30.18 -2.42
CA TYR E 86 18.54 29.05 -3.09
C TYR E 86 18.54 27.86 -2.14
N TYR E 87 17.39 27.19 -2.04
CA TYR E 87 17.22 26.05 -1.13
C TYR E 87 16.83 24.80 -1.90
N CYS E 88 17.40 23.65 -1.54
CA CYS E 88 16.84 22.40 -2.02
C CYS E 88 15.95 21.81 -0.93
N GLN E 89 15.04 20.94 -1.36
CA GLN E 89 14.12 20.31 -0.40
C GLN E 89 13.74 18.95 -0.96
N GLN E 90 13.93 17.91 -0.16
CA GLN E 90 13.49 16.58 -0.59
C GLN E 90 12.01 16.41 -0.28
N SER E 91 11.28 15.81 -1.23
CA SER E 91 9.87 15.51 -0.99
C SER E 91 9.62 14.03 -1.29
N TYR E 92 10.65 13.22 -1.04
CA TYR E 92 10.59 11.77 -1.18
C TYR E 92 9.86 11.15 -0.01
N SER E 93 10.11 11.65 1.19
CA SER E 93 9.55 11.05 2.38
C SER E 93 8.10 11.47 2.58
N THR E 94 7.49 10.91 3.64
CA THR E 94 6.24 11.45 4.10
C THR E 94 6.43 12.93 4.46
N PRO E 95 5.36 13.72 4.40
CA PRO E 95 5.41 15.12 4.89
C PRO E 95 5.97 15.23 6.29
N ARG E 96 5.70 14.24 7.14
CA ARG E 96 6.26 14.25 8.49
C ARG E 96 7.76 14.46 8.48
N GLN E 97 8.45 14.00 7.43
CA GLN E 97 9.90 14.00 7.40
C GLN E 97 10.48 14.92 6.33
N TRP E 98 9.67 15.72 5.61
CA TRP E 98 10.24 16.58 4.57
C TRP E 98 11.30 17.48 5.17
N THR E 99 12.41 17.67 4.45
CA THR E 99 13.53 18.44 4.98
C THR E 99 14.10 19.33 3.88
N PHE E 100 14.63 20.47 4.28
CA PHE E 100 15.27 21.44 3.41
C PHE E 100 16.79 21.41 3.63
N GLY E 101 17.56 21.73 2.57
CA GLY E 101 18.93 22.12 2.76
C GLY E 101 19.04 23.50 3.42
N GLN E 102 20.26 23.92 3.75
CA GLN E 102 20.40 25.15 4.55
C GLN E 102 20.54 26.40 3.70
N GLY E 103 20.51 26.27 2.37
CA GLY E 103 20.54 27.45 1.49
C GLY E 103 21.93 27.79 0.98
N THR E 104 21.98 28.32 -0.24
CA THR E 104 23.22 28.83 -0.82
C THR E 104 22.94 30.26 -1.24
N LYS E 105 23.76 31.20 -0.74
CA LYS E 105 23.54 32.60 -1.05
C LYS E 105 24.26 32.97 -2.34
N VAL E 106 23.56 33.56 -3.29
CA VAL E 106 24.15 33.94 -4.57
C VAL E 106 24.14 35.46 -4.64
N GLU E 107 25.32 36.07 -4.78
CA GLU E 107 25.50 37.50 -4.86
C GLU E 107 26.03 37.84 -6.25
N ILE E 108 25.73 39.04 -6.72
CA ILE E 108 26.11 39.43 -8.07
C ILE E 108 27.39 40.24 -7.97
N LYS E 109 28.39 39.83 -8.73
CA LYS E 109 29.63 40.60 -8.83
C LYS E 109 29.47 41.64 -9.93
N ARG E 110 29.98 42.86 -9.69
CA ARG E 110 29.90 43.92 -10.66
C ARG E 110 31.11 44.82 -10.45
N THR E 111 31.25 45.84 -11.28
CA THR E 111 32.41 46.72 -11.14
C THR E 111 32.24 47.60 -9.90
N VAL E 112 33.39 48.05 -9.38
CA VAL E 112 33.43 48.95 -8.23
C VAL E 112 32.62 50.20 -8.54
N ALA E 113 31.79 50.63 -7.58
CA ALA E 113 31.07 51.89 -7.68
C ALA E 113 31.24 52.62 -6.36
N ALA E 114 31.71 53.87 -6.41
CA ALA E 114 31.88 54.62 -5.18
C ALA E 114 30.54 55.10 -4.65
N PRO E 115 30.36 55.19 -3.33
CA PRO E 115 29.13 55.74 -2.79
C PRO E 115 29.03 57.25 -3.01
N SER E 116 27.80 57.72 -3.20
CA SER E 116 27.46 59.12 -2.97
CA SER E 116 27.45 59.11 -2.98
C SER E 116 27.07 59.29 -1.51
N VAL E 117 27.54 60.36 -0.89
CA VAL E 117 27.40 60.51 0.56
C VAL E 117 26.54 61.73 0.91
N PHE E 118 25.63 61.55 1.88
CA PHE E 118 24.76 62.62 2.31
C PHE E 118 24.67 62.61 3.83
N ILE E 119 24.64 63.78 4.47
CA ILE E 119 24.47 63.87 5.92
C ILE E 119 23.21 64.68 6.23
N PHE E 120 22.45 64.22 7.24
CA PHE E 120 21.18 64.82 7.62
C PHE E 120 21.20 65.23 9.09
N PRO E 121 21.00 66.50 9.41
CA PRO E 121 20.90 66.92 10.83
C PRO E 121 19.66 66.34 11.47
N PRO E 122 19.61 66.31 12.80
CA PRO E 122 18.35 66.06 13.47
C PRO E 122 17.35 67.17 13.15
N SER E 123 16.08 66.77 13.03
CA SER E 123 15.01 67.72 12.76
C SER E 123 14.63 68.47 14.03
N ASP E 124 14.12 69.71 13.87
CA ASP E 124 13.63 70.46 15.02
C ASP E 124 12.56 69.68 15.78
N GLU E 125 11.71 68.96 15.05
CA GLU E 125 10.66 68.19 15.70
C GLU E 125 11.24 67.17 16.68
N GLN E 126 12.32 66.48 16.28
CA GLN E 126 12.87 65.46 17.18
C GLN E 126 13.53 66.13 18.38
N LEU E 127 14.21 67.24 18.14
CA LEU E 127 14.89 67.92 19.24
C LEU E 127 13.93 68.22 20.40
N LYS E 128 12.66 68.53 20.09
CA LYS E 128 11.64 68.72 21.12
C LYS E 128 11.56 67.54 22.09
N SER E 129 11.97 66.34 21.67
CA SER E 129 11.78 65.11 22.42
C SER E 129 12.92 64.78 23.39
N GLY E 130 14.07 65.45 23.29
CA GLY E 130 15.21 65.14 24.13
C GLY E 130 16.30 64.28 23.52
N THR E 131 16.13 63.84 22.27
CA THR E 131 17.13 63.03 21.58
C THR E 131 17.40 63.65 20.22
N ALA E 132 18.63 63.44 19.73
CA ALA E 132 19.05 63.92 18.41
C ALA E 132 19.61 62.74 17.63
N SER E 133 19.02 62.44 16.47
CA SER E 133 19.60 61.44 15.56
C SER E 133 20.23 62.13 14.37
N VAL E 134 21.48 61.79 14.08
CA VAL E 134 22.19 62.33 12.92
C VAL E 134 22.38 61.18 11.95
N VAL E 135 22.01 61.37 10.69
CA VAL E 135 22.01 60.26 9.73
C VAL E 135 23.00 60.55 8.61
N CYS E 136 23.79 59.55 8.26
CA CYS E 136 24.70 59.59 7.14
C CYS E 136 24.28 58.49 6.17
N LEU E 137 24.15 58.85 4.89
CA LEU E 137 23.69 57.95 3.87
C LEU E 137 24.80 57.74 2.85
N LEU E 138 25.10 56.48 2.54
CA LEU E 138 26.00 56.11 1.46
C LEU E 138 25.13 55.42 0.41
N ASN E 139 25.08 55.97 -0.79
CA ASN E 139 24.11 55.50 -1.77
C ASN E 139 24.78 54.84 -2.96
N ASN E 140 24.29 53.64 -3.32
CA ASN E 140 24.56 52.97 -4.61
C ASN E 140 26.06 52.73 -4.80
N PHE E 141 26.61 51.85 -3.95
CA PHE E 141 28.03 51.53 -4.02
C PHE E 141 28.24 50.04 -4.14
N TYR E 142 29.45 49.68 -4.59
CA TYR E 142 29.88 48.29 -4.71
C TYR E 142 31.40 48.29 -4.62
N PRO E 143 32.04 47.39 -3.84
CA PRO E 143 31.44 46.30 -3.06
C PRO E 143 30.83 46.74 -1.72
N ARG E 144 30.26 45.78 -0.98
CA ARG E 144 29.48 46.07 0.23
C ARG E 144 30.32 46.69 1.34
N GLU E 145 31.62 46.38 1.39
CA GLU E 145 32.46 46.81 2.50
C GLU E 145 32.68 48.33 2.46
N ALA E 146 32.47 48.98 3.60
CA ALA E 146 32.59 50.43 3.66
C ALA E 146 32.86 50.81 5.11
N LYS E 147 33.64 51.86 5.28
CA LYS E 147 33.96 52.34 6.61
C LYS E 147 33.33 53.72 6.78
N VAL E 148 32.52 53.88 7.82
CA VAL E 148 31.88 55.16 8.13
C VAL E 148 32.32 55.55 9.53
N GLN E 149 32.86 56.77 9.66
CA GLN E 149 33.30 57.31 10.94
C GLN E 149 32.57 58.60 11.23
N TRP E 150 32.06 58.75 12.45
CA TRP E 150 31.41 59.98 12.89
C TRP E 150 32.42 60.82 13.67
N LYS E 151 32.48 62.10 13.35
CA LYS E 151 33.29 63.05 14.10
C LYS E 151 32.40 64.19 14.57
N VAL E 152 32.54 64.56 15.84
CA VAL E 152 31.78 65.63 16.47
C VAL E 152 32.82 66.61 17.02
N ASP E 153 32.84 67.84 16.49
CA ASP E 153 33.92 68.79 16.77
C ASP E 153 35.28 68.10 16.61
N ASN E 154 35.41 67.32 15.53
CA ASN E 154 36.60 66.60 15.15
C ASN E 154 37.02 65.49 16.13
N ALA E 155 36.16 65.09 17.07
CA ALA E 155 36.46 63.95 17.93
C ALA E 155 35.72 62.71 17.44
N LEU E 156 36.46 61.62 17.24
CA LEU E 156 35.86 60.38 16.73
C LEU E 156 34.85 59.81 17.72
N GLN E 157 33.70 59.41 17.21
CA GLN E 157 32.68 58.80 18.05
C GLN E 157 32.84 57.28 18.07
N SER E 158 32.44 56.68 19.18
CA SER E 158 32.46 55.23 19.28
C SER E 158 31.30 54.76 20.14
N GLY E 159 30.63 53.70 19.70
CA GLY E 159 29.62 53.05 20.51
C GLY E 159 28.24 53.67 20.46
N ASN E 160 28.05 54.80 19.76
CA ASN E 160 26.75 55.48 19.73
C ASN E 160 26.16 55.57 18.31
N SER E 161 26.53 54.67 17.39
CA SER E 161 25.92 54.64 16.08
C SER E 161 25.58 53.21 15.67
N GLN E 162 24.61 53.09 14.79
CA GLN E 162 24.23 51.80 14.24
C GLN E 162 24.06 51.94 12.74
N GLU E 163 24.34 50.86 12.01
CA GLU E 163 24.29 50.84 10.56
C GLU E 163 23.21 49.89 10.07
N SER E 164 22.68 50.20 8.91
CA SER E 164 21.80 49.28 8.20
C SER E 164 22.22 49.29 6.74
N VAL E 165 22.19 48.14 6.08
CA VAL E 165 22.60 48.01 4.68
C VAL E 165 21.47 47.40 3.87
N THR E 166 21.17 47.96 2.71
CA THR E 166 20.15 47.37 1.86
C THR E 166 20.65 46.09 1.21
N GLU E 167 19.70 45.31 0.71
CA GLU E 167 20.17 44.19 -0.07
C GLU E 167 20.49 44.67 -1.48
N GLN E 168 21.26 43.86 -2.17
CA GLN E 168 21.75 44.21 -3.49
C GLN E 168 20.62 44.66 -4.39
N ASP E 169 20.85 45.72 -5.15
CA ASP E 169 19.80 46.24 -6.00
C ASP E 169 19.52 45.31 -7.18
N SER E 170 18.25 45.34 -7.64
CA SER E 170 17.75 44.31 -8.55
C SER E 170 18.19 44.56 -9.98
N LYS E 171 18.49 45.81 -10.32
CA LYS E 171 18.93 46.21 -11.65
C LYS E 171 20.41 46.53 -11.75
N ASP E 172 20.98 47.24 -10.78
CA ASP E 172 22.38 47.63 -10.91
C ASP E 172 23.30 47.01 -9.86
N SER E 173 22.78 46.16 -8.97
CA SER E 173 23.61 45.30 -8.13
C SER E 173 24.41 46.09 -7.08
N THR E 174 24.02 47.33 -6.80
CA THR E 174 24.70 48.10 -5.77
C THR E 174 24.00 47.97 -4.40
N TYR E 175 24.68 48.48 -3.39
CA TYR E 175 24.21 48.54 -2.00
C TYR E 175 24.00 49.99 -1.59
N SER E 176 23.15 50.21 -0.58
CA SER E 176 23.13 51.48 0.13
C SER E 176 23.26 51.21 1.61
N LEU E 177 23.75 52.21 2.34
CA LEU E 177 24.00 52.05 3.76
C LEU E 177 23.62 53.32 4.50
N SER E 178 23.04 53.17 5.67
CA SER E 178 22.80 54.30 6.56
C SER E 178 23.59 54.08 7.82
N SER E 179 24.15 55.14 8.38
CA SER E 179 24.67 55.08 9.73
C SER E 179 23.95 56.16 10.51
N THR E 180 23.41 55.80 11.67
CA THR E 180 22.67 56.74 12.50
C THR E 180 23.40 56.94 13.82
N LEU E 181 23.80 58.18 14.08
CA LEU E 181 24.43 58.56 15.34
C LEU E 181 23.35 59.06 16.29
N THR E 182 23.25 58.46 17.47
CA THR E 182 22.28 58.85 18.47
C THR E 182 22.99 59.62 19.58
N LEU E 183 22.50 60.84 19.88
CA LEU E 183 23.03 61.70 20.94
C LEU E 183 21.87 62.21 21.80
N SER E 184 22.16 62.47 23.08
CA SER E 184 21.22 63.27 23.86
C SER E 184 21.09 64.65 23.23
N LYS E 185 19.93 65.28 23.40
CA LYS E 185 19.79 66.66 22.92
C LYS E 185 20.81 67.57 23.60
N ALA E 186 21.09 67.32 24.88
CA ALA E 186 22.07 68.14 25.59
C ALA E 186 23.45 68.01 24.96
N ASP E 187 23.88 66.77 24.68
CA ASP E 187 25.19 66.62 24.04
C ASP E 187 25.17 67.21 22.63
N TYR E 188 24.09 66.99 21.87
CA TYR E 188 24.03 67.60 20.54
C TYR E 188 24.20 69.12 20.63
N GLU E 189 23.56 69.75 21.60
CA GLU E 189 23.64 71.21 21.67
C GLU E 189 24.98 71.72 22.20
N LYS E 190 25.80 70.83 22.75
CA LYS E 190 27.12 71.13 23.31
C LYS E 190 28.20 71.27 22.24
N HIS E 191 27.93 70.88 21.00
CA HIS E 191 28.95 70.78 19.97
C HIS E 191 28.48 71.43 18.68
N LYS E 192 29.45 71.75 17.82
CA LYS E 192 29.16 72.56 16.64
C LYS E 192 29.22 71.78 15.33
N VAL E 193 30.32 71.06 15.07
CA VAL E 193 30.59 70.48 13.76
C VAL E 193 30.28 69.00 13.81
N TYR E 194 29.43 68.56 12.88
CA TYR E 194 29.03 67.15 12.76
C TYR E 194 29.48 66.65 11.40
N ALA E 195 30.24 65.56 11.39
CA ALA E 195 30.81 65.08 10.14
C ALA E 195 30.71 63.57 10.07
N CYS E 196 30.42 63.03 8.88
CA CYS E 196 30.63 61.61 8.65
C CYS E 196 31.66 61.45 7.55
N GLU E 197 32.62 60.57 7.78
CA GLU E 197 33.76 60.37 6.89
C GLU E 197 33.69 58.95 6.36
N VAL E 198 33.72 58.81 5.05
CA VAL E 198 33.44 57.54 4.38
C VAL E 198 34.70 57.12 3.64
N THR E 199 35.13 55.88 3.83
CA THR E 199 36.20 55.32 3.02
C THR E 199 35.67 54.08 2.32
N HIS E 200 36.05 53.93 1.06
CA HIS E 200 35.50 52.87 0.24
C HIS E 200 36.40 52.68 -0.96
N GLN E 201 36.48 51.43 -1.42
CA GLN E 201 37.36 51.09 -2.54
C GLN E 201 37.19 52.01 -3.74
N GLY E 202 35.99 52.52 -3.97
CA GLY E 202 35.80 53.39 -5.12
C GLY E 202 36.30 54.81 -4.97
N LEU E 203 36.76 55.20 -3.78
CA LEU E 203 37.20 56.58 -3.49
C LEU E 203 38.72 56.66 -3.34
N SER E 204 39.33 57.58 -4.10
CA SER E 204 40.77 57.85 -3.99
C SER E 204 41.19 58.17 -2.56
N SER E 205 40.38 58.98 -1.88
CA SER E 205 40.65 59.38 -0.51
C SER E 205 39.28 59.51 0.17
N PRO E 206 39.25 59.58 1.51
CA PRO E 206 37.95 59.53 2.20
C PRO E 206 37.09 60.73 1.83
N VAL E 207 35.77 60.53 1.80
CA VAL E 207 34.82 61.61 1.57
C VAL E 207 34.20 62.00 2.91
N THR E 208 34.19 63.30 3.21
CA THR E 208 33.59 63.79 4.44
C THR E 208 32.44 64.72 4.09
N LYS E 209 31.26 64.46 4.63
CA LYS E 209 30.15 65.41 4.57
C LYS E 209 29.91 65.92 5.98
N SER E 210 29.64 67.23 6.10
CA SER E 210 29.50 67.79 7.43
C SER E 210 28.46 68.89 7.41
N PHE E 211 27.99 69.26 8.61
CA PHE E 211 27.20 70.47 8.80
C PHE E 211 27.59 71.09 10.14
N ASN E 212 27.26 72.38 10.30
CA ASN E 212 27.37 73.09 11.58
C ASN E 212 25.97 73.24 12.17
N ARG E 213 25.81 72.83 13.43
CA ARG E 213 24.55 73.02 14.13
C ARG E 213 24.15 74.48 14.06
N GLY E 214 22.88 74.73 13.73
CA GLY E 214 22.33 76.09 13.71
C GLY E 214 22.55 76.87 12.42
N GLU E 215 23.19 76.28 11.42
CA GLU E 215 23.45 76.97 10.17
C GLU E 215 22.71 76.28 9.04
N CYS E 216 22.44 77.04 7.97
CA CYS E 216 21.80 76.49 6.78
C CYS E 216 22.67 75.38 6.21
N SER E 217 22.09 74.18 6.12
CA SER E 217 22.86 73.00 5.75
C SER E 217 22.32 72.35 4.49
#